data_3QPK
#
_entry.id   3QPK
#
_cell.length_a   174.150
_cell.length_b   60.200
_cell.length_c   114.440
_cell.angle_alpha   90.00
_cell.angle_beta   99.79
_cell.angle_gamma   90.00
#
_symmetry.space_group_name_H-M   'C 1 2 1'
#
loop_
_entity.id
_entity.type
_entity.pdbx_description
1 polymer Laccase-1
2 branched 2-acetamido-2-deoxy-beta-D-glucopyranose-(1-4)-2-acetamido-2-deoxy-beta-D-glucopyranose
3 non-polymer 'COPPER (II) ION'
4 non-polymer 'CHLORIDE ION'
5 non-polymer 2-acetamido-2-deoxy-beta-D-glucopyranose
6 non-polymer XENON
7 non-polymer 'SULFATE ION'
8 water water
#
_entity_poly.entity_id   1
_entity_poly.type   'polypeptide(L)'
_entity_poly.pdbx_seq_one_letter_code
;EPTCNTPSNRACWSDGFDINTDYEVSTPDTGVTQSYVFNLTEVDNWMGPDGVVKEKVMLINGNIMGPNIVANWGDTVEVT
VINNLVTNGTSIHWHGIHQKDTNLHDGANGVTECPIPPKGGQRTYRWRARQYGTSWYHSHFSAQYGNGVVGTIQINGPAS
LPYDIDLGVFPITDYYYRAADDLVHFTQNNAPPFSDNVLINGTAVNPNTGEGQYANVTLTPGKRHRLRILNTSTENHFQV
SLVNHTMTVIAADMVPVNAMTVDSLFLAVGQRYDVVIDASRAPDNYWFNVTFGGQAACGGSLNPHPAAIFHYAGAPGGLP
TDEGTPPVDHQCLDTLDVRPVVPRSVPVNSFVKRPDNTLPVALDLTGTPLFVWKVNGSDINVDWGKPIIDYILTGNTSYP
VSDNIVQVDAVDQWTYWLIENDPEGPFSLPHPMHLHGHDFLVLGRSPDVPAASQQRFVFDPAVDLARLNGDNPPRRDTTM
LPAGGWLLLAFRTDNPGAWLFHCHIAWHVSGGLSVDFLERPADLRQRISQEDEDDFNRVCDEWRAYWPTNPYPKIDSGL
;
_entity_poly.pdbx_strand_id   A,B
#
# COMPACT_ATOMS: atom_id res chain seq x y z
N GLU A 1 27.62 36.97 -14.77
CA GLU A 1 26.45 37.79 -14.46
C GLU A 1 25.74 38.21 -15.73
N PRO A 2 24.43 38.48 -15.64
CA PRO A 2 23.59 38.72 -16.81
C PRO A 2 23.77 40.11 -17.39
N THR A 3 23.59 40.24 -18.71
CA THR A 3 23.64 41.55 -19.35
C THR A 3 22.39 41.82 -20.18
N CYS A 4 21.60 40.79 -20.46
CA CYS A 4 20.38 41.00 -21.24
C CYS A 4 19.18 40.20 -20.67
N ASN A 5 19.31 39.77 -19.42
CA ASN A 5 18.23 39.06 -18.74
C ASN A 5 17.25 40.05 -18.11
N THR A 6 16.03 40.11 -18.66
CA THR A 6 14.98 41.01 -18.17
C THR A 6 13.62 40.30 -18.07
N PRO A 7 12.69 40.90 -17.32
CA PRO A 7 11.35 40.30 -17.20
C PRO A 7 10.73 39.97 -18.55
N SER A 8 10.94 40.82 -19.55
CA SER A 8 10.33 40.60 -20.86
C SER A 8 11.11 39.61 -21.73
N ASN A 9 12.37 39.36 -21.39
CA ASN A 9 13.19 38.47 -22.20
C ASN A 9 14.11 37.65 -21.30
N ARG A 10 13.56 36.57 -20.74
CA ARG A 10 14.33 35.70 -19.87
C ARG A 10 15.13 34.69 -20.69
N ALA A 11 14.83 34.58 -21.98
CA ALA A 11 15.56 33.66 -22.86
C ALA A 11 17.02 34.10 -23.06
N CYS A 12 17.26 35.40 -22.97
CA CYS A 12 18.62 35.94 -23.18
C CYS A 12 19.38 36.07 -21.85
N TRP A 13 20.70 35.85 -21.89
CA TRP A 13 21.51 35.91 -20.67
C TRP A 13 22.66 36.91 -20.78
N SER A 14 23.60 36.65 -21.70
CA SER A 14 24.68 37.58 -21.98
C SER A 14 25.21 37.35 -23.38
N ASP A 15 26.27 38.07 -23.75
CA ASP A 15 26.79 37.94 -25.10
C ASP A 15 27.24 36.51 -25.39
N GLY A 16 26.60 35.86 -26.35
CA GLY A 16 26.94 34.49 -26.72
C GLY A 16 26.35 33.41 -25.82
N PHE A 17 25.35 33.75 -25.01
CA PHE A 17 24.78 32.80 -24.06
C PHE A 17 23.28 33.05 -23.85
N ASP A 18 22.47 32.02 -24.07
CA ASP A 18 21.03 32.16 -23.95
C ASP A 18 20.42 30.79 -23.65
N ILE A 19 19.10 30.70 -23.73
CA ILE A 19 18.40 29.47 -23.32
C ILE A 19 18.73 28.33 -24.28
N ASN A 20 19.22 28.67 -25.47
CA ASN A 20 19.48 27.69 -26.50
C ASN A 20 20.93 27.20 -26.55
N THR A 21 21.82 27.90 -25.84
CA THR A 21 23.22 27.48 -25.72
C THR A 21 23.34 26.12 -25.06
N ASP A 22 24.17 25.23 -25.62
CA ASP A 22 24.39 23.93 -25.02
C ASP A 22 25.28 24.05 -23.78
N TYR A 23 24.64 24.15 -22.60
CA TYR A 23 25.36 24.47 -21.37
C TYR A 23 26.27 23.31 -20.91
N GLU A 24 26.15 22.15 -21.55
CA GLU A 24 27.01 21.01 -21.25
C GLU A 24 28.39 21.13 -21.91
N VAL A 25 28.51 22.00 -22.91
CA VAL A 25 29.81 22.20 -23.58
C VAL A 25 30.30 23.65 -23.65
N SER A 26 29.47 24.57 -23.15
CA SER A 26 29.76 26.00 -23.23
C SER A 26 29.38 26.71 -21.93
N THR A 27 30.37 27.38 -21.32
CA THR A 27 30.21 28.05 -20.02
C THR A 27 30.72 29.49 -20.00
N PRO A 28 29.90 30.43 -19.53
CA PRO A 28 30.34 31.82 -19.36
C PRO A 28 31.57 31.88 -18.49
N ASP A 29 32.49 32.79 -18.78
CA ASP A 29 33.68 32.99 -17.96
C ASP A 29 33.52 34.26 -17.14
N THR A 30 32.91 34.15 -15.97
CA THR A 30 32.63 35.33 -15.15
C THR A 30 33.81 35.76 -14.26
N GLY A 31 34.66 34.82 -13.88
CA GLY A 31 35.80 35.10 -13.01
C GLY A 31 35.36 35.43 -11.60
N VAL A 32 34.09 35.14 -11.33
CA VAL A 32 33.49 35.44 -10.04
C VAL A 32 33.38 34.18 -9.19
N THR A 33 33.70 34.30 -7.90
CA THR A 33 33.56 33.19 -6.95
C THR A 33 32.65 33.54 -5.78
N GLN A 34 31.64 32.71 -5.55
CA GLN A 34 30.78 32.88 -4.36
C GLN A 34 31.18 31.93 -3.25
N SER A 35 31.48 32.49 -2.07
CA SER A 35 31.99 31.74 -0.93
C SER A 35 30.93 31.51 0.14
N TYR A 36 30.96 30.34 0.78
CA TYR A 36 30.11 30.03 1.94
C TYR A 36 30.90 29.23 2.96
N VAL A 37 30.47 29.30 4.22
CA VAL A 37 31.00 28.44 5.26
C VAL A 37 29.81 27.63 5.79
N PHE A 38 30.00 26.32 5.90
CA PHE A 38 29.00 25.45 6.54
C PHE A 38 29.61 24.93 7.82
N ASN A 39 29.09 25.37 8.96
CA ASN A 39 29.57 24.97 10.26
C ASN A 39 28.51 24.04 10.85
N LEU A 40 28.81 22.75 10.95
CA LEU A 40 27.82 21.78 11.41
C LEU A 40 27.90 21.60 12.91
N THR A 41 26.74 21.59 13.58
CA THR A 41 26.68 21.33 15.00
C THR A 41 25.46 20.44 15.35
N GLU A 42 25.54 19.82 16.53
CA GLU A 42 24.62 18.80 17.02
C GLU A 42 23.85 19.37 18.22
N VAL A 43 22.52 19.35 18.14
CA VAL A 43 21.71 19.94 19.20
C VAL A 43 20.69 18.97 19.77
N ASP A 44 20.65 18.84 21.09
CA ASP A 44 19.75 17.92 21.75
C ASP A 44 18.53 18.65 22.30
N ASN A 45 17.39 17.96 22.30
CA ASN A 45 16.12 18.55 22.76
C ASN A 45 15.84 19.89 22.08
N TRP A 46 15.78 19.86 20.75
CA TRP A 46 15.62 21.06 19.93
C TRP A 46 14.17 21.27 19.52
N MET A 47 13.56 22.36 19.97
CA MET A 47 12.19 22.68 19.62
C MET A 47 12.10 23.09 18.16
N GLY A 48 11.39 22.31 17.36
CA GLY A 48 11.27 22.55 15.91
C GLY A 48 10.13 23.46 15.47
N PRO A 49 9.92 23.58 14.15
CA PRO A 49 8.93 24.49 13.57
C PRO A 49 7.47 24.22 13.96
N ASP A 50 7.13 22.98 14.30
CA ASP A 50 5.72 22.71 14.62
C ASP A 50 5.44 22.55 16.11
N GLY A 51 6.38 22.99 16.93
CA GLY A 51 6.22 22.94 18.38
C GLY A 51 6.88 21.71 19.00
N VAL A 52 6.93 20.61 18.24
CA VAL A 52 7.44 19.35 18.76
C VAL A 52 8.94 19.38 19.03
N VAL A 53 9.34 18.88 20.19
CA VAL A 53 10.76 18.87 20.58
C VAL A 53 11.42 17.59 20.08
N LYS A 54 12.51 17.72 19.33
CA LYS A 54 13.23 16.58 18.76
C LYS A 54 14.42 16.14 19.62
N GLU A 55 14.65 14.83 19.68
CA GLU A 55 15.75 14.29 20.48
C GLU A 55 17.09 14.88 20.08
N LYS A 56 17.38 14.86 18.79
CA LYS A 56 18.64 15.42 18.32
C LYS A 56 18.51 15.90 16.88
N VAL A 57 19.15 17.03 16.61
CA VAL A 57 19.30 17.54 15.25
C VAL A 57 20.75 17.87 14.98
N MET A 58 21.10 17.92 13.70
CA MET A 58 22.43 18.30 13.28
C MET A 58 22.25 19.40 12.26
N LEU A 59 22.74 20.60 12.58
CA LEU A 59 22.39 21.81 11.85
C LEU A 59 23.60 22.47 11.22
N ILE A 60 23.35 23.18 10.12
CA ILE A 60 24.35 24.04 9.51
C ILE A 60 24.14 25.50 9.95
N ASN A 61 25.12 26.06 10.64
CA ASN A 61 25.04 27.44 11.09
C ASN A 61 23.79 27.69 11.95
N GLY A 62 23.48 26.72 12.81
CA GLY A 62 22.41 26.84 13.76
C GLY A 62 20.99 27.01 13.21
N ASN A 63 20.79 26.73 11.93
CA ASN A 63 19.46 26.87 11.32
C ASN A 63 18.88 25.55 10.81
N ILE A 64 17.59 25.57 10.48
CA ILE A 64 16.92 24.33 10.07
C ILE A 64 17.42 23.86 8.70
N MET A 65 17.94 24.80 7.91
CA MET A 65 18.64 24.49 6.67
C MET A 65 19.87 25.37 6.60
N GLY A 66 20.85 24.96 5.79
CA GLY A 66 22.07 25.73 5.63
C GLY A 66 21.83 26.94 4.75
N PRO A 67 22.91 27.62 4.36
CA PRO A 67 22.78 28.81 3.53
C PRO A 67 22.09 28.52 2.21
N ASN A 68 21.32 29.49 1.72
CA ASN A 68 20.81 29.42 0.38
C ASN A 68 21.95 29.84 -0.54
N ILE A 69 22.49 28.89 -1.30
CA ILE A 69 23.54 29.19 -2.26
C ILE A 69 22.97 29.84 -3.52
N VAL A 70 23.50 31.02 -3.86
CA VAL A 70 23.05 31.76 -5.01
C VAL A 70 24.27 32.25 -5.79
N ALA A 71 24.33 31.90 -7.07
CA ALA A 71 25.40 32.38 -7.95
C ALA A 71 24.89 32.44 -9.39
N ASN A 72 25.72 32.97 -10.28
CA ASN A 72 25.40 33.05 -11.70
C ASN A 72 26.01 31.90 -12.48
N TRP A 73 25.38 31.61 -13.61
CA TRP A 73 25.89 30.67 -14.58
C TRP A 73 27.34 31.05 -14.93
N GLY A 74 28.28 30.16 -14.60
CA GLY A 74 29.66 30.38 -14.96
C GLY A 74 30.56 30.76 -13.80
N ASP A 75 29.94 31.14 -12.69
CA ASP A 75 30.68 31.48 -11.49
C ASP A 75 31.35 30.23 -10.96
N THR A 76 32.18 30.41 -9.94
CA THR A 76 32.67 29.28 -9.16
C THR A 76 32.01 29.35 -7.80
N VAL A 77 31.67 28.19 -7.23
CA VAL A 77 31.12 28.11 -5.90
C VAL A 77 32.16 27.43 -5.02
N GLU A 78 32.42 28.01 -3.86
CA GLU A 78 33.45 27.49 -2.97
C GLU A 78 32.91 27.46 -1.56
N VAL A 79 32.91 26.28 -0.94
CA VAL A 79 32.31 26.14 0.38
C VAL A 79 33.24 25.43 1.36
N THR A 80 33.58 26.13 2.44
CA THR A 80 34.33 25.51 3.52
C THR A 80 33.37 24.81 4.49
N VAL A 81 33.57 23.51 4.67
CA VAL A 81 32.71 22.74 5.56
C VAL A 81 33.48 22.35 6.81
N ILE A 82 32.93 22.71 7.97
CA ILE A 82 33.63 22.50 9.23
C ILE A 82 32.75 21.64 10.11
N ASN A 83 33.23 20.45 10.43
CA ASN A 83 32.42 19.47 11.11
C ASN A 83 32.61 19.54 12.62
N ASN A 84 31.69 20.25 13.29
CA ASN A 84 31.65 20.27 14.75
C ASN A 84 30.55 19.40 15.36
N LEU A 85 30.20 18.31 14.68
CA LEU A 85 29.34 17.30 15.30
C LEU A 85 30.15 16.58 16.38
N VAL A 86 29.48 15.76 17.19
CA VAL A 86 30.19 15.02 18.24
C VAL A 86 30.91 13.76 17.77
N THR A 87 30.19 12.88 17.07
CA THR A 87 30.72 11.57 16.68
C THR A 87 30.77 11.32 15.17
N ASN A 88 29.75 11.82 14.47
CA ASN A 88 29.63 11.66 13.03
C ASN A 88 30.71 12.32 12.16
N GLY A 89 31.14 11.62 11.13
CA GLY A 89 31.88 12.28 10.06
C GLY A 89 30.83 12.99 9.24
N THR A 90 31.25 13.72 8.21
CA THR A 90 30.27 14.37 7.34
C THR A 90 30.89 14.48 5.94
N SER A 91 30.03 14.58 4.93
CA SER A 91 30.44 14.91 3.56
C SER A 91 29.24 15.56 2.90
N ILE A 92 29.47 16.65 2.18
CA ILE A 92 28.38 17.39 1.54
C ILE A 92 28.35 17.10 0.04
N HIS A 93 27.26 16.49 -0.40
CA HIS A 93 27.03 16.26 -1.82
C HIS A 93 26.20 17.38 -2.41
N TRP A 94 26.60 17.83 -3.58
CA TRP A 94 25.93 18.90 -4.29
C TRP A 94 25.01 18.29 -5.34
N HIS A 95 23.79 17.99 -4.94
CA HIS A 95 22.83 17.24 -5.76
C HIS A 95 22.40 18.00 -7.01
N GLY A 96 22.74 17.48 -8.18
CA GLY A 96 22.40 18.15 -9.43
C GLY A 96 23.60 18.80 -10.09
N ILE A 97 24.68 18.95 -9.33
CA ILE A 97 25.90 19.57 -9.85
C ILE A 97 26.79 18.48 -10.41
N HIS A 98 27.00 18.52 -11.72
CA HIS A 98 27.67 17.42 -12.40
C HIS A 98 29.15 17.20 -12.02
N GLN A 99 29.80 18.24 -11.51
CA GLN A 99 31.20 18.11 -11.11
C GLN A 99 32.05 17.69 -12.32
N LYS A 100 31.92 18.44 -13.40
CA LYS A 100 32.64 18.16 -14.64
C LYS A 100 34.15 18.21 -14.37
N ASP A 101 34.76 17.04 -14.30
CA ASP A 101 36.17 16.92 -13.96
C ASP A 101 36.50 17.48 -12.58
N THR A 102 35.51 17.46 -11.69
CA THR A 102 35.76 17.75 -10.29
C THR A 102 35.21 16.64 -9.38
N ASN A 103 35.29 15.40 -9.88
CA ASN A 103 34.83 14.22 -9.15
C ASN A 103 35.20 14.20 -7.65
N LEU A 104 36.39 14.68 -7.32
CA LEU A 104 36.82 14.67 -5.92
C LEU A 104 36.07 15.67 -5.04
N HIS A 105 35.24 16.52 -5.66
CA HIS A 105 34.46 17.49 -4.90
C HIS A 105 32.98 17.09 -4.83
N ASP A 106 32.68 15.85 -5.20
CA ASP A 106 31.31 15.36 -5.30
C ASP A 106 30.64 15.09 -3.93
N GLY A 107 31.45 14.85 -2.90
CA GLY A 107 30.92 14.66 -1.55
C GLY A 107 30.37 13.28 -1.22
N ALA A 108 30.74 12.28 -2.00
CA ALA A 108 30.33 10.91 -1.69
C ALA A 108 31.36 10.19 -0.82
N ASN A 109 31.22 10.32 0.50
CA ASN A 109 32.11 9.60 1.41
C ASN A 109 32.16 8.09 1.17
N GLY A 110 33.36 7.57 1.05
CA GLY A 110 33.58 6.18 0.70
C GLY A 110 33.81 5.99 -0.78
N VAL A 111 33.60 7.05 -1.56
CA VAL A 111 33.75 6.96 -3.01
C VAL A 111 34.78 7.96 -3.49
N THR A 112 34.38 9.23 -3.47
CA THR A 112 35.23 10.35 -3.87
C THR A 112 36.12 10.92 -2.76
N GLU A 113 35.82 10.58 -1.52
CA GLU A 113 36.50 11.15 -0.35
C GLU A 113 36.23 10.32 0.91
N CYS A 114 37.00 10.59 1.96
CA CYS A 114 36.67 10.12 3.30
C CYS A 114 35.82 11.22 3.93
N PRO A 115 34.99 10.88 4.93
CA PRO A 115 34.22 11.86 5.68
C PRO A 115 35.11 12.83 6.44
N ILE A 116 34.65 14.08 6.55
CA ILE A 116 35.30 15.07 7.40
C ILE A 116 35.08 14.70 8.85
N PRO A 117 36.18 14.53 9.60
CA PRO A 117 36.12 14.11 10.99
C PRO A 117 35.40 15.14 11.87
N PRO A 118 34.78 14.67 12.95
CA PRO A 118 34.05 15.43 13.97
C PRO A 118 35.01 16.31 14.76
N LYS A 119 34.46 17.06 15.70
CA LYS A 119 35.28 17.84 16.62
C LYS A 119 36.23 18.82 15.92
N GLY A 120 35.82 19.34 14.77
CA GLY A 120 36.58 20.40 14.12
C GLY A 120 37.20 20.09 12.77
N GLY A 121 36.89 18.92 12.22
CA GLY A 121 37.38 18.56 10.90
C GLY A 121 36.94 19.61 9.91
N GLN A 122 37.77 19.89 8.90
CA GLN A 122 37.40 20.90 7.90
C GLN A 122 37.85 20.53 6.49
N ARG A 123 37.04 20.90 5.50
CA ARG A 123 37.41 20.71 4.10
C ARG A 123 36.71 21.71 3.21
N THR A 124 37.38 22.10 2.13
CA THR A 124 36.78 23.07 1.23
C THR A 124 36.44 22.44 -0.11
N TYR A 125 35.17 22.57 -0.49
CA TYR A 125 34.73 22.12 -1.80
C TYR A 125 34.78 23.30 -2.76
N ARG A 126 35.06 23.03 -4.02
CA ARG A 126 35.09 24.07 -5.02
C ARG A 126 34.64 23.50 -6.36
N TRP A 127 33.63 24.11 -6.95
CA TRP A 127 33.14 23.62 -8.21
C TRP A 127 32.66 24.76 -9.09
N ARG A 128 32.52 24.47 -10.38
CA ARG A 128 32.12 25.47 -11.33
C ARG A 128 30.63 25.32 -11.60
N ALA A 129 29.93 26.44 -11.75
CA ALA A 129 28.51 26.38 -12.09
C ALA A 129 28.31 26.26 -13.62
N ARG A 130 28.36 25.04 -14.13
CA ARG A 130 28.23 24.82 -15.57
C ARG A 130 26.80 24.49 -15.94
N GLN A 131 25.90 24.59 -14.96
CA GLN A 131 24.49 24.36 -15.16
C GLN A 131 23.72 25.40 -14.35
N TYR A 132 22.68 25.98 -14.95
CA TYR A 132 21.86 26.93 -14.21
C TYR A 132 20.52 26.30 -13.87
N GLY A 133 19.95 26.69 -12.75
CA GLY A 133 18.68 26.16 -12.30
C GLY A 133 18.62 25.99 -10.79
N THR A 134 17.76 25.07 -10.37
CA THR A 134 17.49 24.82 -8.95
C THR A 134 18.05 23.47 -8.55
N SER A 135 18.99 23.48 -7.61
CA SER A 135 19.52 22.23 -7.06
C SER A 135 19.53 22.27 -5.53
N TRP A 136 20.21 21.32 -4.90
CA TRP A 136 20.31 21.29 -3.45
C TRP A 136 21.54 20.51 -3.04
N TYR A 137 21.90 20.63 -1.78
CA TYR A 137 23.05 19.94 -1.25
C TYR A 137 22.66 19.24 0.04
N HIS A 138 23.37 18.20 0.40
CA HIS A 138 23.04 17.47 1.61
C HIS A 138 24.16 16.55 2.01
N SER A 139 24.19 16.15 3.28
CA SER A 139 25.13 15.15 3.74
C SER A 139 24.94 13.84 3.01
N HIS A 140 26.06 13.14 2.79
CA HIS A 140 26.02 11.80 2.27
C HIS A 140 26.55 10.81 3.30
N PHE A 141 26.52 11.22 4.58
CA PHE A 141 26.98 10.38 5.68
C PHE A 141 25.83 9.50 6.17
N SER A 142 25.70 8.33 5.59
CA SER A 142 24.54 7.50 5.83
C SER A 142 23.32 8.39 5.69
N ALA A 143 22.41 8.38 6.66
CA ALA A 143 21.17 9.12 6.52
C ALA A 143 21.22 10.48 7.24
N GLN A 144 22.44 10.96 7.45
CA GLN A 144 22.64 12.15 8.27
C GLN A 144 21.80 13.34 7.84
N TYR A 145 21.57 13.52 6.54
CA TYR A 145 20.81 14.68 6.08
C TYR A 145 19.38 14.72 6.64
N GLY A 146 18.89 13.56 7.04
CA GLY A 146 17.59 13.47 7.71
C GLY A 146 17.56 14.21 9.04
N ASN A 147 18.73 14.65 9.51
CA ASN A 147 18.86 15.35 10.79
C ASN A 147 18.93 16.88 10.65
N GLY A 148 19.15 17.36 9.43
CA GLY A 148 19.12 18.80 9.21
C GLY A 148 20.23 19.32 8.29
N VAL A 149 21.15 18.44 7.91
CA VAL A 149 22.29 18.85 7.08
C VAL A 149 21.90 18.91 5.62
N VAL A 150 21.24 20.00 5.24
CA VAL A 150 20.65 20.13 3.91
C VAL A 150 20.38 21.60 3.61
N GLY A 151 20.44 21.97 2.34
CA GLY A 151 20.15 23.34 1.91
C GLY A 151 19.99 23.47 0.42
N THR A 152 19.77 24.69 -0.07
CA THR A 152 19.41 24.87 -1.46
C THR A 152 20.52 25.49 -2.30
N ILE A 153 20.45 25.26 -3.61
CA ILE A 153 21.33 25.91 -4.58
C ILE A 153 20.51 26.60 -5.68
N GLN A 154 20.73 27.89 -5.87
CA GLN A 154 20.12 28.65 -6.96
C GLN A 154 21.20 29.23 -7.86
N ILE A 155 21.33 28.67 -9.05
CA ILE A 155 22.29 29.22 -10.01
C ILE A 155 21.52 29.96 -11.09
N ASN A 156 21.62 31.28 -11.09
CA ASN A 156 20.84 32.06 -12.04
C ASN A 156 21.31 31.92 -13.49
N GLY A 157 20.40 32.12 -14.43
CA GLY A 157 20.65 31.87 -15.84
C GLY A 157 19.40 32.18 -16.65
N PRO A 158 19.39 31.83 -17.94
CA PRO A 158 18.22 32.16 -18.75
C PRO A 158 17.09 31.20 -18.44
N ALA A 159 15.89 31.50 -18.91
CA ALA A 159 14.75 30.62 -18.68
C ALA A 159 13.91 30.52 -19.96
N SER A 160 13.05 29.50 -20.02
CA SER A 160 12.32 29.21 -21.25
C SER A 160 10.98 29.95 -21.31
N LEU A 161 10.73 30.81 -20.34
CA LEU A 161 9.52 31.61 -20.37
C LEU A 161 9.82 32.94 -19.76
N PRO A 162 9.12 33.99 -20.20
CA PRO A 162 9.28 35.27 -19.52
C PRO A 162 8.62 35.21 -18.13
N TYR A 163 9.21 35.89 -17.15
CA TYR A 163 8.59 36.00 -15.84
C TYR A 163 9.03 37.29 -15.16
N ASP A 164 8.20 37.80 -14.27
CA ASP A 164 8.47 39.08 -13.62
C ASP A 164 9.20 38.98 -12.29
N ILE A 165 8.77 38.06 -11.42
CA ILE A 165 9.35 37.94 -10.07
C ILE A 165 9.91 36.54 -9.85
N ASP A 166 11.13 36.47 -9.30
CA ASP A 166 11.73 35.18 -8.91
C ASP A 166 11.53 35.03 -7.41
N LEU A 167 10.57 34.18 -7.04
CA LEU A 167 10.20 33.98 -5.64
C LEU A 167 11.26 33.21 -4.89
N GLY A 168 12.17 32.59 -5.63
CA GLY A 168 13.25 31.86 -5.01
C GLY A 168 12.92 30.41 -4.73
N VAL A 169 13.72 29.83 -3.84
CA VAL A 169 13.63 28.42 -3.51
C VAL A 169 12.42 28.13 -2.61
N PHE A 170 11.83 26.95 -2.77
CA PHE A 170 10.63 26.58 -2.04
C PHE A 170 10.72 25.10 -1.70
N PRO A 171 11.64 24.74 -0.79
CA PRO A 171 11.93 23.33 -0.48
C PRO A 171 10.82 22.68 0.34
N ILE A 172 10.42 21.49 -0.07
CA ILE A 172 9.41 20.71 0.66
C ILE A 172 10.04 19.41 1.19
N THR A 173 9.83 19.12 2.47
CA THR A 173 10.48 17.96 3.04
C THR A 173 9.65 17.24 4.09
N ASP A 174 9.70 15.92 4.05
CA ASP A 174 9.16 15.17 5.16
C ASP A 174 9.91 15.54 6.43
N TYR A 175 9.26 15.30 7.57
CA TYR A 175 9.79 15.75 8.85
C TYR A 175 9.44 14.68 9.85
N TYR A 176 10.48 14.11 10.48
CA TYR A 176 10.33 13.03 11.44
C TYR A 176 10.82 13.49 12.79
N TYR A 177 10.07 13.17 13.85
CA TYR A 177 10.50 13.55 15.18
C TYR A 177 11.65 12.66 15.65
N ARG A 178 11.67 11.42 15.19
CA ARG A 178 12.78 10.53 15.55
C ARG A 178 14.03 10.89 14.74
N ALA A 179 15.21 10.55 15.26
CA ALA A 179 16.45 10.96 14.61
C ALA A 179 16.83 9.98 13.50
N ALA A 180 17.66 10.44 12.58
CA ALA A 180 17.98 9.68 11.39
C ALA A 180 18.50 8.28 11.71
N ASP A 181 19.40 8.16 12.68
CA ASP A 181 19.99 6.86 12.99
C ASP A 181 19.04 5.85 13.60
N ASP A 182 18.08 6.32 14.39
CA ASP A 182 17.07 5.43 14.91
C ASP A 182 16.14 5.01 13.77
N LEU A 183 15.97 5.89 12.79
CA LEU A 183 15.08 5.57 11.66
C LEU A 183 15.75 4.60 10.71
N VAL A 184 17.06 4.72 10.56
CA VAL A 184 17.83 3.71 9.84
C VAL A 184 17.63 2.36 10.51
N HIS A 185 17.88 2.31 11.83
CA HIS A 185 17.70 1.06 12.56
C HIS A 185 16.27 0.56 12.46
N PHE A 186 15.31 1.47 12.50
CA PHE A 186 13.90 1.09 12.45
C PHE A 186 13.57 0.45 11.10
N THR A 187 14.06 1.05 10.02
CA THR A 187 13.71 0.61 8.68
C THR A 187 14.45 -0.66 8.27
N GLN A 188 15.49 -1.02 9.03
CA GLN A 188 16.19 -2.28 8.78
C GLN A 188 15.32 -3.49 9.09
N ASN A 189 14.32 -3.32 9.95
CA ASN A 189 13.41 -4.42 10.30
C ASN A 189 11.93 -4.06 10.27
N ASN A 190 11.62 -2.85 9.79
CA ASN A 190 10.23 -2.38 9.73
C ASN A 190 10.02 -1.52 8.52
N ALA A 191 8.83 -1.62 7.94
CA ALA A 191 8.44 -0.73 6.86
C ALA A 191 8.61 0.71 7.33
N PRO A 192 8.98 1.61 6.41
CA PRO A 192 9.18 3.01 6.81
C PRO A 192 7.87 3.65 7.23
N PRO A 193 7.92 4.52 8.25
CA PRO A 193 6.72 5.16 8.79
C PRO A 193 6.31 6.29 7.89
N PHE A 194 5.05 6.71 7.99
CA PHE A 194 4.64 7.95 7.38
C PHE A 194 5.43 9.06 8.06
N SER A 195 5.36 10.27 7.53
CA SER A 195 6.07 11.37 8.15
C SER A 195 5.20 12.07 9.17
N ASP A 196 5.81 12.50 10.27
CA ASP A 196 5.05 13.15 11.32
C ASP A 196 4.49 14.46 10.79
N ASN A 197 5.23 15.08 9.88
CA ASN A 197 4.78 16.31 9.26
C ASN A 197 5.53 16.57 7.95
N VAL A 198 5.09 17.60 7.24
CA VAL A 198 5.76 18.03 6.02
C VAL A 198 6.10 19.51 6.19
N LEU A 199 7.38 19.83 6.17
CA LEU A 199 7.82 21.21 6.23
C LEU A 199 7.80 21.84 4.85
N ILE A 200 7.23 23.04 4.74
CA ILE A 200 7.28 23.77 3.48
C ILE A 200 8.05 25.08 3.67
N ASN A 201 9.14 25.24 2.94
CA ASN A 201 10.03 26.39 3.16
C ASN A 201 10.37 26.57 4.63
N GLY A 202 10.58 25.44 5.32
CA GLY A 202 11.06 25.45 6.70
C GLY A 202 10.01 25.45 7.80
N THR A 203 8.73 25.42 7.43
CA THR A 203 7.68 25.62 8.41
C THR A 203 6.41 24.80 8.16
N ALA A 204 5.75 24.44 9.25
CA ALA A 204 4.49 23.72 9.17
C ALA A 204 3.68 23.96 10.43
N VAL A 205 2.42 23.53 10.40
CA VAL A 205 1.56 23.64 11.56
C VAL A 205 1.34 22.24 12.09
N ASN A 206 1.43 22.11 13.41
CA ASN A 206 1.21 20.82 14.02
C ASN A 206 -0.26 20.45 13.80
N PRO A 207 -0.51 19.20 13.37
CA PRO A 207 -1.86 18.75 13.03
C PRO A 207 -2.70 18.50 14.29
N ASN A 208 -2.03 18.45 15.44
CA ASN A 208 -2.68 18.14 16.70
C ASN A 208 -2.77 19.31 17.65
N THR A 209 -1.75 20.16 17.66
CA THR A 209 -1.64 21.22 18.64
C THR A 209 -1.88 22.58 18.02
N GLY A 210 -1.79 22.65 16.70
CA GLY A 210 -1.99 23.91 16.02
C GLY A 210 -0.85 24.91 16.17
N GLU A 211 0.25 24.50 16.82
CA GLU A 211 1.44 25.35 16.92
C GLU A 211 2.14 25.41 15.58
N GLY A 212 3.06 26.35 15.42
CA GLY A 212 3.81 26.50 14.18
C GLY A 212 3.11 27.45 13.22
N GLN A 213 3.65 27.61 12.02
CA GLN A 213 2.95 28.42 11.03
C GLN A 213 2.94 27.86 9.61
N TYR A 214 2.03 28.37 8.81
CA TYR A 214 1.99 28.08 7.38
C TYR A 214 3.05 28.87 6.65
N ALA A 215 3.68 28.25 5.64
CA ALA A 215 4.50 29.01 4.72
C ALA A 215 3.54 30.01 4.11
N ASN A 216 4.00 31.24 3.92
CA ASN A 216 3.12 32.31 3.45
C ASN A 216 3.80 33.07 2.31
N VAL A 217 3.38 32.78 1.08
CA VAL A 217 3.94 33.35 -0.14
C VAL A 217 3.06 34.46 -0.67
N THR A 218 3.64 35.65 -0.85
CA THR A 218 2.85 36.77 -1.36
C THR A 218 3.03 36.96 -2.85
N LEU A 219 1.91 36.87 -3.58
CA LEU A 219 1.91 37.04 -5.03
C LEU A 219 1.51 38.47 -5.39
N THR A 220 2.23 39.06 -6.35
CA THR A 220 1.89 40.39 -6.87
C THR A 220 0.86 40.26 -8.00
N PRO A 221 -0.33 40.85 -7.79
CA PRO A 221 -1.44 40.62 -8.74
C PRO A 221 -1.07 40.95 -10.19
N GLY A 222 -1.39 40.05 -11.11
CA GLY A 222 -1.14 40.28 -12.52
C GLY A 222 0.26 39.95 -13.00
N LYS A 223 1.10 39.51 -12.08
CA LYS A 223 2.49 39.23 -12.39
C LYS A 223 2.77 37.74 -12.61
N ARG A 224 3.82 37.45 -13.37
CA ARG A 224 4.29 36.08 -13.54
C ARG A 224 5.38 35.82 -12.50
N HIS A 225 5.21 34.75 -11.72
CA HIS A 225 6.14 34.43 -10.64
C HIS A 225 6.83 33.10 -10.85
N ARG A 226 8.15 33.11 -10.88
CA ARG A 226 8.90 31.85 -10.90
C ARG A 226 9.07 31.29 -9.50
N LEU A 227 8.64 30.05 -9.30
CA LEU A 227 8.74 29.38 -8.00
C LEU A 227 9.56 28.12 -8.18
N ARG A 228 10.56 27.94 -7.33
CA ARG A 228 11.51 26.85 -7.44
C ARG A 228 11.22 25.77 -6.40
N ILE A 229 10.40 24.81 -6.78
CA ILE A 229 9.96 23.73 -5.90
C ILE A 229 10.99 22.61 -5.84
N LEU A 230 11.31 22.19 -4.63
CA LEU A 230 12.23 21.07 -4.43
C LEU A 230 11.66 20.06 -3.45
N ASN A 231 11.93 18.78 -3.68
CA ASN A 231 11.63 17.73 -2.72
C ASN A 231 12.91 17.27 -2.03
N THR A 232 13.16 17.80 -0.84
CA THR A 232 14.39 17.49 -0.16
C THR A 232 14.24 16.41 0.90
N SER A 233 13.23 15.54 0.75
CA SER A 233 12.87 14.56 1.77
C SER A 233 13.87 13.41 1.88
N THR A 234 13.70 12.57 2.91
CA THR A 234 14.42 11.31 2.98
C THR A 234 13.61 10.15 2.39
N GLU A 235 12.29 10.28 2.31
CA GLU A 235 11.44 9.19 1.79
C GLU A 235 10.18 9.66 1.03
N ASN A 236 9.50 10.66 1.58
CA ASN A 236 8.26 11.18 1.02
C ASN A 236 8.37 11.68 -0.43
N HIS A 237 7.49 11.16 -1.29
CA HIS A 237 7.36 11.63 -2.66
C HIS A 237 6.07 12.44 -2.76
N PHE A 238 6.16 13.65 -3.31
CA PHE A 238 5.04 14.59 -3.21
C PHE A 238 4.26 14.89 -4.50
N GLN A 239 2.96 15.15 -4.33
CA GLN A 239 2.12 15.78 -5.34
C GLN A 239 1.80 17.19 -4.87
N VAL A 240 1.96 18.18 -5.75
CA VAL A 240 1.69 19.56 -5.35
C VAL A 240 0.71 20.22 -6.29
N SER A 241 -0.09 21.14 -5.74
CA SER A 241 -1.04 21.88 -6.54
C SER A 241 -1.48 23.15 -5.83
N LEU A 242 -1.84 24.15 -6.62
CA LEU A 242 -2.29 25.43 -6.09
C LEU A 242 -3.77 25.60 -6.40
N VAL A 243 -4.59 25.75 -5.37
CA VAL A 243 -6.02 25.88 -5.57
C VAL A 243 -6.36 26.99 -6.56
N ASN A 244 -7.15 26.65 -7.56
CA ASN A 244 -7.60 27.59 -8.59
C ASN A 244 -6.50 28.20 -9.46
N HIS A 245 -5.35 27.56 -9.54
CA HIS A 245 -4.26 28.04 -10.39
C HIS A 245 -3.61 26.88 -11.13
N THR A 246 -3.06 27.17 -12.31
CA THR A 246 -2.16 26.25 -12.99
C THR A 246 -0.70 26.58 -12.69
N MET A 247 0.18 25.63 -13.01
CA MET A 247 1.62 25.83 -12.87
C MET A 247 2.25 25.51 -14.21
N THR A 248 3.12 26.37 -14.70
CA THR A 248 3.77 26.10 -15.98
C THR A 248 5.24 25.73 -15.75
N VAL A 249 5.56 24.46 -15.98
CA VAL A 249 6.92 23.98 -15.73
C VAL A 249 7.86 24.60 -16.77
N ILE A 250 9.00 25.12 -16.30
CA ILE A 250 10.02 25.65 -17.20
C ILE A 250 11.36 24.99 -17.01
N ALA A 251 11.47 24.15 -15.98
CA ALA A 251 12.63 23.29 -15.82
C ALA A 251 12.28 22.01 -15.04
N ALA A 252 13.02 20.95 -15.32
CA ALA A 252 12.96 19.72 -14.55
C ALA A 252 14.34 19.44 -13.98
N ASP A 253 14.44 19.30 -12.67
CA ASP A 253 15.75 19.28 -12.03
C ASP A 253 16.53 20.47 -12.55
N MET A 254 17.78 20.25 -12.94
CA MET A 254 18.58 21.37 -13.41
C MET A 254 18.61 21.50 -14.94
N VAL A 255 17.55 21.02 -15.59
CA VAL A 255 17.45 21.06 -17.06
C VAL A 255 16.23 21.85 -17.49
N PRO A 256 16.44 22.99 -18.15
CA PRO A 256 15.31 23.76 -18.65
C PRO A 256 14.54 22.98 -19.74
N VAL A 257 13.21 23.11 -19.74
CA VAL A 257 12.33 22.41 -20.67
C VAL A 257 11.35 23.37 -21.30
N ASN A 258 10.79 22.95 -22.42
CA ASN A 258 9.75 23.72 -23.09
C ASN A 258 8.59 23.87 -22.15
N ALA A 259 8.01 25.07 -22.09
CA ALA A 259 6.93 25.35 -21.14
C ALA A 259 5.76 24.36 -21.20
N MET A 260 5.32 23.89 -20.03
CA MET A 260 4.23 22.90 -19.94
C MET A 260 3.30 23.23 -18.78
N THR A 261 2.05 23.56 -19.09
CA THR A 261 1.06 23.93 -18.09
C THR A 261 0.38 22.70 -17.53
N VAL A 262 0.32 22.60 -16.22
CA VAL A 262 -0.27 21.44 -15.57
C VAL A 262 -1.10 21.89 -14.37
N ASP A 263 -1.99 21.04 -13.91
CA ASP A 263 -2.78 21.33 -12.71
C ASP A 263 -2.04 20.87 -11.46
N SER A 264 -1.18 19.87 -11.61
CA SER A 264 -0.42 19.36 -10.47
C SER A 264 0.86 18.67 -10.91
N LEU A 265 1.76 18.46 -9.96
CA LEU A 265 3.06 17.88 -10.24
C LEU A 265 3.43 16.84 -9.23
N PHE A 266 4.04 15.76 -9.69
CA PHE A 266 4.69 14.78 -8.83
C PHE A 266 6.16 15.12 -8.71
N LEU A 267 6.66 15.21 -7.47
CA LEU A 267 8.09 15.33 -7.21
C LEU A 267 8.58 14.13 -6.40
N ALA A 268 9.39 13.28 -7.03
CA ALA A 268 10.14 12.25 -6.30
C ALA A 268 11.15 12.88 -5.35
N VAL A 269 11.71 12.08 -4.45
CA VAL A 269 12.77 12.57 -3.59
C VAL A 269 13.95 13.05 -4.44
N GLY A 270 14.40 14.28 -4.20
CA GLY A 270 15.54 14.84 -4.92
C GLY A 270 15.17 15.60 -6.17
N GLN A 271 13.93 15.41 -6.64
CA GLN A 271 13.45 16.14 -7.82
C GLN A 271 13.15 17.62 -7.54
N ARG A 272 13.29 18.43 -8.58
CA ARG A 272 12.97 19.85 -8.54
C ARG A 272 12.15 20.23 -9.77
N TYR A 273 11.28 21.22 -9.66
CA TYR A 273 10.62 21.80 -10.82
C TYR A 273 10.55 23.30 -10.63
N ASP A 274 11.08 24.04 -11.58
CA ASP A 274 10.84 25.47 -11.65
C ASP A 274 9.51 25.67 -12.38
N VAL A 275 8.61 26.43 -11.76
CA VAL A 275 7.34 26.73 -12.39
C VAL A 275 7.08 28.22 -12.45
N VAL A 276 6.23 28.63 -13.38
CA VAL A 276 5.77 30.00 -13.45
C VAL A 276 4.30 30.02 -13.05
N ILE A 277 3.95 30.93 -12.14
CA ILE A 277 2.56 31.08 -11.70
C ILE A 277 2.03 32.46 -12.05
N ASP A 278 0.88 32.52 -12.73
CA ASP A 278 0.26 33.80 -13.08
C ASP A 278 -0.80 34.21 -12.07
N ALA A 279 -0.55 35.31 -11.37
CA ALA A 279 -1.47 35.81 -10.35
C ALA A 279 -2.63 36.54 -11.02
N SER A 280 -3.41 35.78 -11.77
CA SER A 280 -4.51 36.38 -12.53
C SER A 280 -5.87 35.97 -11.99
N ARG A 281 -5.88 35.43 -10.77
CA ARG A 281 -7.15 35.12 -10.10
C ARG A 281 -7.62 36.30 -9.26
N ALA A 282 -8.87 36.23 -8.80
CA ALA A 282 -9.38 37.24 -7.88
C ALA A 282 -8.45 37.32 -6.67
N PRO A 283 -8.02 38.54 -6.29
CA PRO A 283 -7.20 38.69 -5.08
C PRO A 283 -7.80 37.94 -3.91
N ASP A 284 -7.04 37.01 -3.32
CA ASP A 284 -7.57 36.16 -2.27
C ASP A 284 -6.41 35.38 -1.64
N ASN A 285 -6.75 34.51 -0.70
CA ASN A 285 -5.78 33.57 -0.13
C ASN A 285 -6.05 32.17 -0.65
N TYR A 286 -5.01 31.50 -1.17
CA TYR A 286 -5.19 30.20 -1.80
C TYR A 286 -4.30 29.16 -1.14
N TRP A 287 -4.84 27.97 -0.89
CA TRP A 287 -4.01 26.86 -0.43
C TRP A 287 -3.07 26.33 -1.51
N PHE A 288 -1.84 26.04 -1.11
CA PHE A 288 -0.92 25.26 -1.90
C PHE A 288 -0.84 23.95 -1.16
N ASN A 289 -1.33 22.88 -1.79
CA ASN A 289 -1.50 21.61 -1.11
C ASN A 289 -0.41 20.60 -1.41
N VAL A 290 0.05 19.90 -0.40
CA VAL A 290 0.90 18.72 -0.60
C VAL A 290 0.00 17.49 -0.43
N THR A 291 -0.09 16.66 -1.47
CA THR A 291 -0.90 15.45 -1.39
C THR A 291 -0.05 14.25 -1.78
N PHE A 292 -0.58 13.05 -1.55
CA PHE A 292 0.10 11.81 -1.90
C PHE A 292 -0.81 10.93 -2.77
N GLY A 293 -0.19 10.12 -3.62
CA GLY A 293 -0.90 9.19 -4.48
C GLY A 293 -0.19 7.85 -4.38
N GLY A 294 -0.43 6.97 -5.34
CA GLY A 294 0.30 5.72 -5.37
C GLY A 294 -0.02 4.73 -4.27
N GLN A 295 -1.22 4.82 -3.69
CA GLN A 295 -1.61 3.83 -2.69
C GLN A 295 -0.52 3.74 -1.60
N ALA A 296 -0.06 4.89 -1.13
CA ALA A 296 0.95 5.02 -0.08
C ALA A 296 2.29 4.34 -0.36
N ALA A 297 2.48 3.89 -1.60
CA ALA A 297 3.65 3.12 -1.95
C ALA A 297 4.93 3.97 -1.98
N CYS A 298 4.80 5.26 -2.21
CA CYS A 298 5.99 6.10 -2.19
C CYS A 298 5.91 7.22 -1.16
N GLY A 299 5.14 6.99 -0.09
CA GLY A 299 5.14 7.90 1.04
C GLY A 299 3.80 8.39 1.55
N GLY A 300 3.81 8.96 2.75
CA GLY A 300 2.65 9.61 3.33
C GLY A 300 2.97 10.36 4.60
N SER A 301 2.05 11.19 5.06
CA SER A 301 2.28 11.95 6.28
C SER A 301 1.12 11.84 7.26
N LEU A 302 1.44 11.89 8.54
CA LEU A 302 0.44 11.84 9.60
C LEU A 302 -0.31 13.17 9.70
N ASN A 303 0.23 14.21 9.07
CA ASN A 303 -0.53 15.44 8.82
C ASN A 303 -1.34 15.22 7.54
N PRO A 304 -2.68 15.22 7.66
CA PRO A 304 -3.49 14.79 6.52
C PRO A 304 -3.56 15.83 5.42
N HIS A 305 -3.15 17.07 5.71
CA HIS A 305 -3.32 18.14 4.73
C HIS A 305 -2.21 19.20 4.81
N PRO A 306 -0.95 18.77 4.66
CA PRO A 306 0.12 19.78 4.71
C PRO A 306 -0.10 20.85 3.64
N ALA A 307 0.01 22.13 4.01
CA ALA A 307 -0.24 23.17 3.04
C ALA A 307 0.53 24.46 3.31
N ALA A 308 0.64 25.28 2.28
CA ALA A 308 1.19 26.62 2.37
C ALA A 308 0.08 27.55 1.93
N ILE A 309 0.24 28.84 2.23
CA ILE A 309 -0.72 29.85 1.79
C ILE A 309 -0.15 30.70 0.67
N PHE A 310 -0.93 30.88 -0.38
CA PHE A 310 -0.54 31.86 -1.39
C PHE A 310 -1.46 33.07 -1.28
N HIS A 311 -0.88 34.20 -0.89
CA HIS A 311 -1.65 35.40 -0.59
C HIS A 311 -1.46 36.45 -1.66
N TYR A 312 -2.54 36.89 -2.31
CA TYR A 312 -2.44 38.02 -3.23
C TYR A 312 -2.25 39.31 -2.44
N ALA A 313 -1.21 40.07 -2.79
CA ALA A 313 -0.98 41.35 -2.13
C ALA A 313 -2.20 42.24 -2.30
N GLY A 314 -2.67 42.81 -1.19
CA GLY A 314 -3.86 43.64 -1.22
C GLY A 314 -5.10 42.90 -0.77
N ALA A 315 -5.02 41.58 -0.72
CA ALA A 315 -6.14 40.77 -0.26
C ALA A 315 -6.18 40.82 1.25
N PRO A 316 -7.33 40.46 1.83
CA PRO A 316 -7.42 40.34 3.29
C PRO A 316 -6.41 39.32 3.80
N GLY A 317 -6.06 39.38 5.09
CA GLY A 317 -5.21 38.36 5.70
C GLY A 317 -6.04 37.13 6.04
N GLY A 318 -5.45 36.20 6.78
CA GLY A 318 -6.18 35.03 7.25
C GLY A 318 -6.00 33.78 6.41
N LEU A 319 -6.78 32.74 6.70
CA LEU A 319 -6.62 31.47 6.00
C LEU A 319 -7.47 31.39 4.73
N PRO A 320 -6.95 30.70 3.70
CA PRO A 320 -7.72 30.39 2.49
C PRO A 320 -9.03 29.72 2.89
N THR A 321 -10.08 29.90 2.09
CA THR A 321 -11.41 29.38 2.44
C THR A 321 -11.94 28.35 1.44
N ASP A 322 -11.29 28.26 0.27
CA ASP A 322 -11.61 27.20 -0.69
C ASP A 322 -10.62 26.06 -0.48
N GLU A 323 -11.10 24.94 0.04
CA GLU A 323 -10.25 23.76 0.23
C GLU A 323 -9.88 23.09 -1.10
N GLY A 324 -10.54 23.50 -2.18
CA GLY A 324 -10.17 23.03 -3.50
C GLY A 324 -10.53 21.60 -3.88
N THR A 325 -9.77 21.05 -4.83
CA THR A 325 -10.08 19.79 -5.50
C THR A 325 -8.91 18.80 -5.49
N PRO A 326 -9.15 17.56 -5.07
CA PRO A 326 -8.02 16.62 -4.98
C PRO A 326 -7.41 16.48 -6.37
N PRO A 327 -6.09 16.57 -6.46
CA PRO A 327 -5.42 16.42 -7.75
C PRO A 327 -5.54 14.98 -8.23
N VAL A 328 -5.25 14.76 -9.52
CA VAL A 328 -5.23 13.40 -10.05
C VAL A 328 -4.15 12.59 -9.33
N ASP A 329 -4.39 11.30 -9.16
CA ASP A 329 -3.44 10.40 -8.54
C ASP A 329 -2.26 10.17 -9.48
N HIS A 330 -1.07 10.57 -9.06
CA HIS A 330 0.12 10.44 -9.90
C HIS A 330 0.81 9.05 -9.89
N GLN A 331 0.27 8.12 -9.10
CA GLN A 331 0.77 6.73 -9.02
C GLN A 331 2.29 6.57 -8.78
N CYS A 332 2.87 7.44 -7.97
CA CYS A 332 4.31 7.35 -7.70
C CYS A 332 5.16 7.45 -8.97
N LEU A 333 4.70 8.23 -9.94
CA LEU A 333 5.42 8.36 -11.19
C LEU A 333 5.55 9.81 -11.64
N ASP A 334 6.78 10.20 -12.00
CA ASP A 334 7.01 11.50 -12.62
C ASP A 334 6.69 11.50 -14.11
N THR A 335 6.36 12.68 -14.64
CA THR A 335 5.92 12.77 -16.02
C THR A 335 7.08 12.69 -17.01
N LEU A 336 6.88 11.90 -18.05
CA LEU A 336 7.87 11.76 -19.10
C LEU A 336 7.52 12.63 -20.29
N ASP A 337 6.61 13.57 -20.06
CA ASP A 337 6.16 14.48 -21.12
C ASP A 337 6.99 15.77 -21.21
N VAL A 338 7.96 15.95 -20.32
CA VAL A 338 8.82 17.13 -20.41
C VAL A 338 9.82 16.99 -21.56
N ARG A 339 10.10 18.11 -22.22
CA ARG A 339 11.02 18.14 -23.36
C ARG A 339 12.09 19.22 -23.17
N PRO A 340 13.33 18.79 -22.95
CA PRO A 340 14.44 19.73 -22.74
C PRO A 340 14.57 20.80 -23.84
N VAL A 341 14.87 22.03 -23.45
CA VAL A 341 15.07 23.11 -24.42
C VAL A 341 16.21 22.77 -25.37
N VAL A 342 17.36 22.41 -24.80
CA VAL A 342 18.51 21.95 -25.57
C VAL A 342 18.33 20.44 -25.78
N PRO A 343 18.18 20.01 -27.04
CA PRO A 343 17.79 18.62 -27.31
C PRO A 343 18.96 17.64 -27.32
N ARG A 344 18.64 16.38 -27.05
CA ARG A 344 19.58 15.30 -27.26
C ARG A 344 18.82 14.26 -28.08
N SER A 345 19.52 13.59 -28.99
CA SER A 345 18.91 12.50 -29.73
C SER A 345 19.82 11.26 -29.69
N VAL A 346 19.20 10.10 -29.51
CA VAL A 346 19.90 8.82 -29.53
C VAL A 346 19.01 7.71 -30.11
N PRO A 347 19.63 6.70 -30.73
CA PRO A 347 18.92 5.55 -31.30
C PRO A 347 18.22 4.73 -30.22
N VAL A 348 16.94 4.45 -30.42
CA VAL A 348 16.22 3.52 -29.56
C VAL A 348 15.57 2.40 -30.36
N ASN A 349 16.10 2.12 -31.56
CA ASN A 349 15.45 1.15 -32.45
C ASN A 349 15.98 -0.28 -32.33
N SER A 350 16.92 -0.48 -31.41
CA SER A 350 17.39 -1.81 -31.10
C SER A 350 18.02 -1.86 -29.70
N PHE A 351 17.78 -2.96 -29.01
CA PHE A 351 18.36 -3.14 -27.68
C PHE A 351 18.40 -4.62 -27.36
N VAL A 352 19.51 -5.06 -26.80
CA VAL A 352 19.64 -6.43 -26.31
C VAL A 352 19.95 -6.40 -24.82
N LYS A 353 19.05 -6.93 -24.01
CA LYS A 353 19.29 -7.02 -22.58
C LYS A 353 20.45 -7.98 -22.31
N ARG A 354 21.46 -7.50 -21.60
CA ARG A 354 22.62 -8.32 -21.23
C ARG A 354 23.09 -8.07 -19.80
N PRO A 355 23.79 -9.05 -19.22
CA PRO A 355 24.34 -8.88 -17.86
C PRO A 355 25.10 -7.56 -17.70
N ASP A 356 25.88 -7.16 -18.71
CA ASP A 356 26.70 -5.96 -18.58
C ASP A 356 25.96 -4.62 -18.70
N ASN A 357 24.69 -4.66 -19.09
CA ASN A 357 23.87 -3.45 -19.19
C ASN A 357 22.56 -3.51 -18.39
N THR A 358 22.49 -4.46 -17.46
CA THR A 358 21.29 -4.66 -16.67
C THR A 358 21.63 -4.60 -15.19
N LEU A 359 20.84 -3.83 -14.45
CA LEU A 359 21.00 -3.73 -13.01
C LEU A 359 19.72 -4.21 -12.37
N PRO A 360 19.75 -5.45 -11.84
CA PRO A 360 18.58 -6.06 -11.23
C PRO A 360 18.48 -5.70 -9.75
N VAL A 361 17.46 -4.93 -9.39
CA VAL A 361 17.21 -4.58 -7.99
C VAL A 361 16.50 -5.73 -7.28
N ALA A 362 17.00 -6.10 -6.10
CA ALA A 362 16.39 -7.20 -5.34
C ALA A 362 16.32 -6.98 -3.82
N LEU A 363 15.12 -7.16 -3.25
CA LEU A 363 14.93 -7.13 -1.81
C LEU A 363 15.22 -8.52 -1.25
N ASP A 364 16.23 -8.61 -0.40
CA ASP A 364 16.57 -9.88 0.24
C ASP A 364 16.06 -9.92 1.68
N LEU A 365 15.10 -10.80 1.95
CA LEU A 365 14.51 -10.92 3.28
C LEU A 365 15.01 -12.16 4.01
N THR A 366 16.20 -12.62 3.68
CA THR A 366 16.66 -13.92 4.17
C THR A 366 17.92 -13.85 5.03
N GLY A 367 18.37 -12.64 5.32
CA GLY A 367 19.54 -12.45 6.17
C GLY A 367 19.25 -11.62 7.41
N THR A 368 20.24 -10.83 7.81
CA THR A 368 20.08 -9.89 8.92
C THR A 368 20.85 -8.60 8.58
N PRO A 369 20.17 -7.45 8.70
CA PRO A 369 18.81 -7.40 9.23
C PRO A 369 17.77 -7.84 8.19
N LEU A 370 16.50 -7.65 8.51
CA LEU A 370 15.39 -8.14 7.68
C LEU A 370 15.37 -7.53 6.28
N PHE A 371 15.41 -6.20 6.19
CA PHE A 371 15.34 -5.52 4.90
C PHE A 371 16.70 -5.11 4.40
N VAL A 372 17.19 -5.90 3.44
CA VAL A 372 18.46 -5.63 2.77
C VAL A 372 18.22 -5.54 1.26
N TRP A 373 18.73 -4.47 0.67
CA TRP A 373 18.56 -4.22 -0.75
C TRP A 373 19.83 -4.55 -1.50
N LYS A 374 19.68 -5.18 -2.66
CA LYS A 374 20.82 -5.63 -3.44
C LYS A 374 20.70 -5.23 -4.90
N VAL A 375 21.83 -4.86 -5.52
CA VAL A 375 21.88 -4.57 -6.95
C VAL A 375 22.82 -5.53 -7.63
N ASN A 376 22.29 -6.29 -8.60
CA ASN A 376 23.10 -7.27 -9.30
C ASN A 376 23.71 -8.31 -8.37
N GLY A 377 23.02 -8.60 -7.28
CA GLY A 377 23.47 -9.64 -6.36
C GLY A 377 24.23 -9.16 -5.13
N SER A 378 24.28 -7.85 -4.93
CA SER A 378 25.12 -7.30 -3.87
C SER A 378 24.54 -6.02 -3.25
N ASP A 379 24.56 -5.96 -1.92
CA ASP A 379 24.21 -4.74 -1.21
C ASP A 379 25.46 -3.87 -1.02
N ILE A 380 25.41 -2.63 -1.48
CA ILE A 380 26.58 -1.76 -1.39
C ILE A 380 26.96 -1.53 0.06
N ASN A 381 28.24 -1.30 0.29
CA ASN A 381 28.76 -1.07 1.64
C ASN A 381 30.15 -0.50 1.52
N VAL A 382 30.23 0.82 1.50
CA VAL A 382 31.50 1.52 1.30
C VAL A 382 32.39 1.53 2.52
N ASP A 383 33.68 1.77 2.29
CA ASP A 383 34.65 1.90 3.38
C ASP A 383 35.02 3.38 3.46
N TRP A 384 34.47 4.05 4.46
CA TRP A 384 34.73 5.46 4.69
C TRP A 384 36.22 5.76 4.77
N GLY A 385 36.98 4.81 5.29
CA GLY A 385 38.40 4.98 5.45
C GLY A 385 39.18 4.54 4.23
N LYS A 386 38.49 4.01 3.23
CA LYS A 386 39.16 3.63 1.99
C LYS A 386 38.30 3.84 0.74
N PRO A 387 38.17 5.10 0.30
CA PRO A 387 37.28 5.42 -0.83
C PRO A 387 37.81 4.84 -2.14
N ILE A 388 36.95 4.67 -3.12
CA ILE A 388 37.37 4.16 -4.42
C ILE A 388 38.55 5.01 -4.93
N ILE A 389 38.46 6.32 -4.77
CA ILE A 389 39.53 7.23 -5.20
C ILE A 389 40.92 6.89 -4.66
N ASP A 390 40.97 6.30 -3.47
CA ASP A 390 42.26 5.90 -2.92
C ASP A 390 42.85 4.75 -3.71
N TYR A 391 41.98 3.84 -4.15
CA TYR A 391 42.40 2.79 -5.08
C TYR A 391 42.98 3.41 -6.35
N ILE A 392 42.28 4.40 -6.89
CA ILE A 392 42.71 5.08 -8.11
C ILE A 392 44.08 5.74 -7.97
N LEU A 393 44.27 6.47 -6.87
CA LEU A 393 45.53 7.14 -6.60
C LEU A 393 46.66 6.14 -6.28
N THR A 394 46.28 4.92 -5.92
CA THR A 394 47.26 3.90 -5.57
C THR A 394 47.37 2.77 -6.60
N GLY A 395 46.69 2.95 -7.73
CA GLY A 395 46.77 1.99 -8.83
C GLY A 395 46.22 0.62 -8.51
N ASN A 396 45.55 0.51 -7.37
CA ASN A 396 44.95 -0.75 -6.95
C ASN A 396 43.57 -0.94 -7.57
N THR A 397 43.42 -2.00 -8.37
CA THR A 397 42.18 -2.24 -9.10
C THR A 397 41.34 -3.38 -8.54
N SER A 398 41.70 -3.92 -7.38
CA SER A 398 40.93 -5.01 -6.81
C SER A 398 39.89 -4.47 -5.82
N TYR A 399 38.83 -3.89 -6.35
CA TYR A 399 37.81 -3.25 -5.53
C TYR A 399 36.95 -4.29 -4.84
N PRO A 400 36.53 -4.00 -3.60
CA PRO A 400 35.69 -4.97 -2.87
C PRO A 400 34.39 -5.17 -3.61
N VAL A 401 33.84 -6.37 -3.56
CA VAL A 401 32.58 -6.63 -4.24
C VAL A 401 31.52 -5.68 -3.71
N SER A 402 31.57 -5.45 -2.39
CA SER A 402 30.62 -4.56 -1.72
C SER A 402 30.57 -3.15 -2.29
N ASP A 403 31.58 -2.77 -3.06
CA ASP A 403 31.60 -1.43 -3.65
C ASP A 403 30.79 -1.38 -4.95
N ASN A 404 30.22 -2.50 -5.37
CA ASN A 404 29.32 -2.48 -6.52
C ASN A 404 29.87 -1.62 -7.67
N ILE A 405 31.16 -1.78 -7.95
CA ILE A 405 31.79 -1.07 -9.06
C ILE A 405 31.26 -1.56 -10.41
N VAL A 406 30.70 -0.65 -11.19
CA VAL A 406 30.38 -0.93 -12.57
C VAL A 406 31.35 -0.12 -13.42
N GLN A 407 32.40 -0.76 -13.93
CA GLN A 407 33.43 -0.02 -14.67
C GLN A 407 33.08 0.19 -16.13
N VAL A 408 33.20 1.44 -16.59
CA VAL A 408 32.80 1.83 -17.93
C VAL A 408 33.96 2.54 -18.63
N ASP A 409 34.61 1.86 -19.57
CA ASP A 409 35.79 2.43 -20.21
C ASP A 409 35.53 3.25 -21.49
N ALA A 410 34.30 3.20 -22.00
CA ALA A 410 33.98 3.93 -23.22
C ALA A 410 34.19 5.42 -23.06
N VAL A 411 34.92 6.02 -24.00
CA VAL A 411 35.22 7.45 -23.95
C VAL A 411 34.15 8.29 -24.66
N ASP A 412 33.44 9.09 -23.89
CA ASP A 412 32.42 9.98 -24.45
C ASP A 412 31.39 9.27 -25.38
N GLN A 413 30.96 8.07 -24.99
CA GLN A 413 29.92 7.37 -25.74
C GLN A 413 28.62 7.33 -24.94
N TRP A 414 27.49 7.17 -25.65
CA TRP A 414 26.23 6.95 -24.99
C TRP A 414 26.22 5.53 -24.48
N THR A 415 25.86 5.36 -23.22
CA THR A 415 25.75 4.04 -22.63
C THR A 415 24.31 3.85 -22.16
N TYR A 416 23.77 2.66 -22.36
CA TYR A 416 22.39 2.38 -21.99
C TYR A 416 22.30 1.42 -20.79
N TRP A 417 21.27 1.57 -19.97
CA TRP A 417 21.19 0.77 -18.76
C TRP A 417 19.76 0.37 -18.41
N LEU A 418 19.55 -0.94 -18.26
CA LEU A 418 18.26 -1.51 -17.90
C LEU A 418 18.18 -1.80 -16.41
N ILE A 419 17.34 -1.06 -15.70
CA ILE A 419 17.18 -1.25 -14.28
C ILE A 419 15.92 -2.07 -14.06
N GLU A 420 16.06 -3.18 -13.34
CA GLU A 420 14.92 -4.07 -13.09
C GLU A 420 14.52 -4.00 -11.63
N ASN A 421 13.24 -3.83 -11.36
CA ASN A 421 12.74 -3.68 -10.00
C ASN A 421 12.18 -4.95 -9.37
N ASP A 422 13.06 -5.93 -9.13
CA ASP A 422 12.67 -7.13 -8.38
C ASP A 422 11.40 -7.81 -8.92
N PRO A 423 11.35 -8.08 -10.23
CA PRO A 423 10.16 -8.68 -10.84
C PRO A 423 9.81 -10.06 -10.29
N GLU A 424 10.81 -10.73 -9.70
CA GLU A 424 10.62 -12.04 -9.10
C GLU A 424 10.63 -12.02 -7.55
N GLY A 425 10.72 -10.83 -6.96
CA GLY A 425 10.78 -10.73 -5.50
C GLY A 425 9.44 -10.91 -4.79
N PRO A 426 9.45 -10.92 -3.45
CA PRO A 426 8.20 -11.07 -2.68
C PRO A 426 7.20 -9.94 -2.99
N PHE A 427 7.71 -8.72 -3.09
CA PHE A 427 6.92 -7.54 -3.45
C PHE A 427 7.87 -6.47 -3.95
N SER A 428 7.35 -5.40 -4.57
CA SER A 428 8.22 -4.36 -5.12
C SER A 428 7.69 -2.98 -4.83
N LEU A 429 8.63 -2.05 -4.69
CA LEU A 429 8.32 -0.68 -4.34
C LEU A 429 8.88 0.24 -5.41
N PRO A 430 8.22 1.39 -5.61
CA PRO A 430 8.79 2.46 -6.43
C PRO A 430 10.10 2.94 -5.81
N HIS A 431 11.09 3.24 -6.64
CA HIS A 431 12.32 3.82 -6.16
C HIS A 431 12.72 5.06 -6.98
N PRO A 432 13.00 6.18 -6.29
CA PRO A 432 13.55 7.32 -7.04
C PRO A 432 15.03 7.12 -7.32
N MET A 433 15.37 6.84 -8.58
CA MET A 433 16.74 6.55 -8.97
C MET A 433 17.52 7.81 -9.36
N HIS A 434 18.67 7.99 -8.75
CA HIS A 434 19.45 9.23 -8.90
C HIS A 434 20.86 8.94 -9.36
N LEU A 435 21.33 9.65 -10.37
CA LEU A 435 22.69 9.45 -10.86
C LEU A 435 23.58 10.65 -10.58
N HIS A 436 24.73 10.39 -9.96
CA HIS A 436 25.75 11.44 -9.74
C HIS A 436 26.50 11.68 -11.02
N GLY A 437 27.00 12.91 -11.21
CA GLY A 437 27.93 13.24 -12.29
C GLY A 437 27.38 13.53 -13.68
N HIS A 438 26.08 13.30 -13.88
CA HIS A 438 25.44 13.48 -15.17
C HIS A 438 23.93 13.66 -15.02
N ASP A 439 23.30 14.19 -16.07
CA ASP A 439 21.88 13.98 -16.29
C ASP A 439 21.74 12.77 -17.22
N PHE A 440 20.72 11.94 -17.02
CA PHE A 440 20.46 10.85 -17.95
C PHE A 440 19.23 11.14 -18.82
N LEU A 441 19.08 10.38 -19.90
CA LEU A 441 17.91 10.45 -20.74
C LEU A 441 17.04 9.33 -20.22
N VAL A 442 15.74 9.59 -20.08
CA VAL A 442 14.78 8.57 -19.70
C VAL A 442 14.14 8.06 -21.00
N LEU A 443 14.68 6.97 -21.52
CA LEU A 443 14.22 6.44 -22.80
C LEU A 443 12.85 5.79 -22.64
N GLY A 444 12.61 5.22 -21.46
CA GLY A 444 11.31 4.61 -21.22
C GLY A 444 11.22 3.77 -19.97
N ARG A 445 10.01 3.36 -19.63
CA ARG A 445 9.82 2.54 -18.45
C ARG A 445 8.66 1.58 -18.68
N SER A 446 8.53 0.59 -17.82
CA SER A 446 7.42 -0.38 -17.88
C SER A 446 6.07 0.34 -17.86
N PRO A 447 5.02 -0.32 -18.38
CA PRO A 447 3.72 0.35 -18.51
C PRO A 447 3.27 0.96 -17.18
N ASP A 448 2.71 2.17 -17.26
CA ASP A 448 2.28 2.91 -16.09
C ASP A 448 1.02 2.29 -15.51
N VAL A 449 1.12 1.71 -14.32
CA VAL A 449 -0.03 1.06 -13.68
C VAL A 449 -0.10 1.53 -12.21
N PRO A 450 -1.22 1.25 -11.50
CA PRO A 450 -1.24 1.68 -10.10
C PRO A 450 -0.04 1.14 -9.32
N ALA A 451 0.50 1.94 -8.39
CA ALA A 451 1.77 1.63 -7.73
C ALA A 451 1.76 0.36 -6.86
N ALA A 452 0.63 0.06 -6.24
CA ALA A 452 0.53 -1.13 -5.39
C ALA A 452 -0.18 -2.32 -6.06
N SER A 453 -0.34 -2.26 -7.38
CA SER A 453 -1.07 -3.29 -8.11
C SER A 453 -0.40 -4.65 -8.24
N GLN A 454 0.85 -4.76 -7.77
CA GLN A 454 1.56 -6.04 -7.73
C GLN A 454 1.86 -6.58 -9.13
N GLN A 455 1.68 -5.78 -10.16
CA GLN A 455 2.02 -6.22 -11.52
C GLN A 455 3.53 -6.27 -11.75
N ARG A 456 3.99 -7.34 -12.39
CA ARG A 456 5.42 -7.56 -12.62
C ARG A 456 5.71 -7.56 -14.11
N PHE A 457 6.69 -6.76 -14.52
CA PHE A 457 6.99 -6.55 -15.93
C PHE A 457 8.48 -6.75 -16.21
N VAL A 458 8.81 -7.62 -17.17
CA VAL A 458 10.20 -7.77 -17.62
C VAL A 458 10.32 -7.26 -19.05
N PHE A 459 11.40 -6.51 -19.32
CA PHE A 459 11.60 -5.88 -20.61
C PHE A 459 11.49 -6.92 -21.71
N ASP A 460 10.68 -6.63 -22.72
CA ASP A 460 10.48 -7.50 -23.89
C ASP A 460 10.72 -6.66 -25.13
N PRO A 461 11.86 -6.85 -25.80
CA PRO A 461 12.18 -6.11 -27.03
C PRO A 461 11.02 -6.10 -28.02
N ALA A 462 10.38 -7.25 -28.18
CA ALA A 462 9.29 -7.40 -29.11
C ALA A 462 8.21 -6.32 -28.97
N VAL A 463 7.90 -5.92 -27.74
CA VAL A 463 6.86 -4.91 -27.55
C VAL A 463 7.37 -3.60 -26.95
N ASP A 464 8.51 -3.68 -26.27
CA ASP A 464 9.02 -2.52 -25.52
C ASP A 464 9.89 -1.53 -26.29
N LEU A 465 10.53 -1.96 -27.37
CA LEU A 465 11.29 -1.00 -28.18
C LEU A 465 10.37 0.12 -28.69
N ALA A 466 9.15 -0.26 -29.02
CA ALA A 466 8.18 0.66 -29.62
C ALA A 466 7.72 1.70 -28.63
N ARG A 467 7.93 1.44 -27.35
CA ARG A 467 7.51 2.33 -26.29
C ARG A 467 8.63 3.28 -25.89
N LEU A 468 9.80 3.11 -26.51
CA LEU A 468 10.96 3.93 -26.17
C LEU A 468 10.94 5.25 -26.92
N ASN A 469 11.54 6.28 -26.30
CA ASN A 469 11.63 7.60 -26.90
C ASN A 469 13.10 8.03 -26.94
N GLY A 470 13.65 8.18 -28.14
CA GLY A 470 15.03 8.61 -28.30
C GLY A 470 15.16 10.03 -28.82
N ASP A 471 14.02 10.65 -29.13
CA ASP A 471 13.96 11.99 -29.71
C ASP A 471 13.70 13.04 -28.64
N ASN A 472 14.78 13.61 -28.11
CA ASN A 472 14.71 14.57 -27.03
C ASN A 472 13.86 14.12 -25.85
N PRO A 473 14.23 12.98 -25.25
CA PRO A 473 13.50 12.47 -24.09
C PRO A 473 13.76 13.34 -22.88
N PRO A 474 13.01 13.12 -21.80
CA PRO A 474 13.32 13.78 -20.54
C PRO A 474 14.77 13.57 -20.16
N ARG A 475 15.44 14.65 -19.78
CA ARG A 475 16.81 14.58 -19.32
C ARG A 475 16.84 15.21 -17.92
N ARG A 476 17.31 14.46 -16.94
CA ARG A 476 17.34 14.97 -15.56
C ARG A 476 18.18 14.04 -14.71
N ASP A 477 18.26 14.31 -13.41
CA ASP A 477 19.15 13.55 -12.54
C ASP A 477 18.44 12.52 -11.64
N THR A 478 17.12 12.59 -11.62
CA THR A 478 16.27 11.73 -10.79
C THR A 478 15.00 11.36 -11.55
N THR A 479 14.66 10.07 -11.54
CA THR A 479 13.41 9.59 -12.15
C THR A 479 12.93 8.30 -11.47
N MET A 480 11.64 8.00 -11.61
CA MET A 480 11.06 6.85 -10.91
C MET A 480 11.30 5.49 -11.60
N LEU A 481 11.71 4.52 -10.78
CA LEU A 481 11.75 3.12 -11.17
C LEU A 481 10.41 2.51 -10.75
N PRO A 482 9.56 2.15 -11.74
CA PRO A 482 8.22 1.66 -11.43
C PRO A 482 8.22 0.41 -10.52
N ALA A 483 7.30 0.34 -9.57
CA ALA A 483 7.15 -0.86 -8.75
C ALA A 483 7.01 -2.07 -9.67
N GLY A 484 7.81 -3.11 -9.40
CA GLY A 484 7.72 -4.38 -10.09
C GLY A 484 8.18 -4.41 -11.53
N GLY A 485 8.71 -3.29 -12.02
CA GLY A 485 8.97 -3.13 -13.43
C GLY A 485 10.40 -2.83 -13.83
N TRP A 486 10.56 -1.84 -14.70
CA TRP A 486 11.88 -1.52 -15.24
C TRP A 486 11.99 -0.10 -15.75
N LEU A 487 13.24 0.33 -15.95
CA LEU A 487 13.54 1.67 -16.38
C LEU A 487 14.71 1.57 -17.36
N LEU A 488 14.61 2.22 -18.50
CA LEU A 488 15.71 2.16 -19.45
C LEU A 488 16.34 3.54 -19.58
N LEU A 489 17.56 3.67 -19.06
CA LEU A 489 18.25 4.95 -18.99
C LEU A 489 19.49 4.99 -19.88
N ALA A 490 19.99 6.19 -20.15
CA ALA A 490 21.18 6.35 -20.96
C ALA A 490 21.93 7.61 -20.54
N PHE A 491 23.24 7.49 -20.36
CA PHE A 491 24.11 8.66 -20.19
C PHE A 491 25.37 8.59 -21.01
N ARG A 492 25.92 9.75 -21.32
CA ARG A 492 27.13 9.85 -22.12
C ARG A 492 28.37 9.96 -21.24
N THR A 493 29.34 9.08 -21.45
CA THR A 493 30.53 9.05 -20.61
C THR A 493 31.50 10.22 -20.90
N ASP A 494 31.05 11.43 -20.59
CA ASP A 494 31.82 12.68 -20.80
C ASP A 494 32.51 13.22 -19.55
N ASN A 495 32.63 12.42 -18.49
CA ASN A 495 33.07 12.94 -17.19
C ASN A 495 33.71 11.87 -16.31
N PRO A 496 35.03 11.65 -16.47
CA PRO A 496 35.76 10.64 -15.70
C PRO A 496 35.56 10.81 -14.21
N GLY A 497 35.32 9.72 -13.49
CA GLY A 497 35.05 9.78 -12.07
C GLY A 497 34.39 8.52 -11.54
N ALA A 498 34.26 8.47 -10.21
CA ALA A 498 33.48 7.45 -9.53
C ALA A 498 32.11 8.04 -9.16
N TRP A 499 31.05 7.53 -9.78
CA TRP A 499 29.75 8.20 -9.66
C TRP A 499 28.66 7.27 -9.12
N LEU A 500 28.15 7.57 -7.94
CA LEU A 500 27.09 6.73 -7.36
C LEU A 500 25.81 6.77 -8.17
N PHE A 501 25.09 5.66 -8.17
CA PHE A 501 23.77 5.57 -8.79
C PHE A 501 22.90 4.73 -7.87
N HIS A 502 21.87 5.35 -7.32
CA HIS A 502 21.18 4.75 -6.20
C HIS A 502 19.76 5.28 -6.02
N CYS A 503 18.96 4.53 -5.26
CA CYS A 503 17.68 5.04 -4.80
C CYS A 503 17.93 6.17 -3.81
N HIS A 504 17.13 7.23 -3.88
CA HIS A 504 17.36 8.40 -3.01
C HIS A 504 16.55 8.39 -1.71
N ILE A 505 15.80 7.31 -1.48
CA ILE A 505 15.13 7.11 -0.20
C ILE A 505 16.21 6.71 0.78
N ALA A 506 16.48 7.58 1.75
CA ALA A 506 17.56 7.39 2.71
C ALA A 506 17.65 5.97 3.27
N TRP A 507 16.51 5.36 3.57
CA TRP A 507 16.52 4.03 4.20
C TRP A 507 16.93 2.94 3.21
N HIS A 508 16.69 3.15 1.92
CA HIS A 508 17.02 2.14 0.90
C HIS A 508 18.50 2.16 0.45
N VAL A 509 19.04 3.35 0.19
CA VAL A 509 20.48 3.44 -0.07
C VAL A 509 21.24 3.03 1.19
N SER A 510 20.72 3.38 2.36
CA SER A 510 21.31 2.92 3.61
C SER A 510 21.47 1.41 3.60
N GLY A 511 20.41 0.73 3.22
CA GLY A 511 20.37 -0.73 3.21
C GLY A 511 20.94 -1.38 1.98
N GLY A 512 21.66 -0.63 1.15
CA GLY A 512 22.43 -1.23 0.07
C GLY A 512 22.07 -0.93 -1.38
N LEU A 513 20.97 -0.20 -1.61
CA LEU A 513 20.47 0.04 -2.96
C LEU A 513 21.26 1.10 -3.75
N SER A 514 22.38 0.68 -4.34
CA SER A 514 23.22 1.57 -5.11
C SER A 514 24.25 0.82 -5.93
N VAL A 515 24.72 1.43 -7.03
CA VAL A 515 25.97 0.97 -7.64
C VAL A 515 26.88 2.18 -7.75
N ASP A 516 28.08 1.94 -8.24
CA ASP A 516 29.08 2.99 -8.40
C ASP A 516 29.66 2.83 -9.79
N PHE A 517 29.29 3.70 -10.71
CA PHE A 517 29.86 3.64 -12.06
C PHE A 517 31.29 4.18 -12.02
N LEU A 518 32.27 3.32 -12.30
CA LEU A 518 33.65 3.78 -12.42
C LEU A 518 33.91 4.18 -13.86
N GLU A 519 33.66 5.46 -14.16
CA GLU A 519 33.73 5.99 -15.50
C GLU A 519 35.16 6.43 -15.91
N ARG A 520 35.76 5.68 -16.82
CA ARG A 520 37.07 6.05 -17.37
C ARG A 520 38.14 6.24 -16.29
N PRO A 521 38.40 5.18 -15.51
CA PRO A 521 39.34 5.24 -14.40
C PRO A 521 40.70 5.73 -14.87
N ALA A 522 41.11 5.27 -16.05
CA ALA A 522 42.40 5.64 -16.63
C ALA A 522 42.52 7.15 -16.84
N ASP A 523 41.49 7.75 -17.44
CA ASP A 523 41.44 9.19 -17.65
C ASP A 523 41.33 9.93 -16.33
N LEU A 524 40.62 9.32 -15.39
CA LEU A 524 40.44 9.89 -14.07
C LEU A 524 41.77 10.12 -13.35
N ARG A 525 42.56 9.06 -13.22
CA ARG A 525 43.83 9.15 -12.50
C ARG A 525 44.69 10.30 -13.03
N GLN A 526 44.52 10.63 -14.30
CA GLN A 526 45.32 11.67 -14.94
C GLN A 526 44.78 13.07 -14.67
N ARG A 527 43.47 13.18 -14.45
CA ARG A 527 42.82 14.47 -14.27
C ARG A 527 42.78 14.94 -12.81
N ILE A 528 43.31 14.14 -11.89
CA ILE A 528 43.34 14.52 -10.48
C ILE A 528 44.50 15.47 -10.22
N SER A 529 44.18 16.71 -9.86
CA SER A 529 45.19 17.72 -9.63
C SER A 529 45.92 17.45 -8.33
N GLN A 530 47.09 18.05 -8.18
CA GLN A 530 47.91 17.82 -7.00
C GLN A 530 47.23 18.35 -5.75
N GLU A 531 46.46 19.43 -5.91
CA GLU A 531 45.81 20.03 -4.75
C GLU A 531 44.70 19.11 -4.25
N ASP A 532 43.98 18.48 -5.18
CA ASP A 532 42.92 17.55 -4.80
C ASP A 532 43.50 16.28 -4.20
N GLU A 533 44.63 15.84 -4.73
CA GLU A 533 45.26 14.62 -4.24
C GLU A 533 45.75 14.82 -2.81
N ASP A 534 46.47 15.91 -2.59
CA ASP A 534 47.02 16.20 -1.28
C ASP A 534 45.89 16.37 -0.27
N ASP A 535 44.84 17.08 -0.67
CA ASP A 535 43.76 17.37 0.26
C ASP A 535 42.95 16.10 0.54
N PHE A 536 42.85 15.24 -0.47
CA PHE A 536 42.16 13.96 -0.30
C PHE A 536 42.88 13.15 0.77
N ASN A 537 44.22 13.12 0.68
CA ASN A 537 45.03 12.40 1.64
C ASN A 537 44.99 13.01 3.03
N ARG A 538 45.01 14.33 3.10
CA ARG A 538 44.95 15.01 4.39
C ARG A 538 43.70 14.60 5.14
N VAL A 539 42.56 14.63 4.45
CA VAL A 539 41.29 14.35 5.10
C VAL A 539 41.20 12.88 5.48
N CYS A 540 41.66 11.99 4.59
CA CYS A 540 41.63 10.57 4.89
C CYS A 540 42.53 10.26 6.09
N ASP A 541 43.70 10.90 6.12
CA ASP A 541 44.59 10.80 7.27
C ASP A 541 43.84 11.06 8.58
N GLU A 542 43.10 12.17 8.61
CA GLU A 542 42.44 12.61 9.84
C GLU A 542 41.25 11.72 10.22
N TRP A 543 40.50 11.26 9.22
CA TRP A 543 39.40 10.35 9.49
C TRP A 543 39.93 9.03 10.04
N ARG A 544 40.88 8.43 9.33
CA ARG A 544 41.43 7.14 9.73
C ARG A 544 42.01 7.19 11.15
N ALA A 545 42.58 8.33 11.51
CA ALA A 545 43.12 8.55 12.84
C ALA A 545 41.99 8.70 13.86
N TYR A 546 40.87 9.28 13.43
CA TYR A 546 39.73 9.46 14.34
C TYR A 546 38.86 8.22 14.54
N TRP A 547 38.57 7.48 13.46
CA TRP A 547 37.57 6.40 13.50
C TRP A 547 37.72 5.38 14.64
N PRO A 548 38.96 5.00 14.96
CA PRO A 548 39.13 4.04 16.05
C PRO A 548 38.71 4.61 17.42
N THR A 549 38.45 5.92 17.48
CA THR A 549 37.99 6.56 18.71
C THR A 549 36.48 6.76 18.74
N ASN A 550 35.83 6.58 17.59
CA ASN A 550 34.40 6.78 17.51
C ASN A 550 33.69 5.78 18.42
N PRO A 551 32.78 6.26 19.27
CA PRO A 551 32.03 5.39 20.20
C PRO A 551 30.98 4.50 19.52
N TYR A 552 30.57 4.84 18.30
CA TYR A 552 29.47 4.12 17.63
C TYR A 552 29.93 3.30 16.42
N PRO A 553 29.23 2.19 16.14
CA PRO A 553 29.55 1.29 15.04
C PRO A 553 28.89 1.78 13.76
N LYS A 554 29.48 1.48 12.62
CA LYS A 554 28.82 1.70 11.34
C LYS A 554 27.79 0.58 11.18
N ILE A 555 26.52 0.94 10.98
CA ILE A 555 25.47 -0.08 10.96
C ILE A 555 24.76 -0.21 9.62
N ASP A 556 25.18 0.59 8.63
CA ASP A 556 24.55 0.54 7.32
C ASP A 556 25.61 0.68 6.21
N SER A 557 25.15 0.97 4.99
CA SER A 557 26.04 1.01 3.82
C SER A 557 27.09 2.12 3.90
N GLY A 558 26.79 3.17 4.66
CA GLY A 558 27.63 4.34 4.78
C GLY A 558 27.12 5.51 3.96
N LEU A 559 26.13 5.24 3.10
CA LEU A 559 25.62 6.21 2.12
C LEU A 559 24.20 6.66 2.39
N GLU B 1 -43.18 -20.54 7.03
CA GLU B 1 -43.90 -19.81 6.00
C GLU B 1 -44.56 -18.56 6.60
N PRO B 2 -44.48 -17.43 5.90
CA PRO B 2 -45.09 -16.19 6.39
C PRO B 2 -46.61 -16.16 6.17
N THR B 3 -47.32 -15.44 7.03
CA THR B 3 -48.77 -15.31 6.92
C THR B 3 -49.21 -13.83 6.94
N CYS B 4 -48.28 -12.92 7.17
CA CYS B 4 -48.62 -11.50 7.23
C CYS B 4 -47.51 -10.60 6.68
N ASN B 5 -46.63 -11.20 5.89
CA ASN B 5 -45.52 -10.46 5.31
C ASN B 5 -45.87 -9.92 3.93
N THR B 6 -46.03 -8.61 3.82
CA THR B 6 -46.49 -7.95 2.60
C THR B 6 -45.61 -6.74 2.27
N PRO B 7 -45.71 -6.27 1.02
CA PRO B 7 -44.92 -5.10 0.61
C PRO B 7 -45.08 -3.92 1.56
N SER B 8 -46.27 -3.76 2.15
CA SER B 8 -46.57 -2.63 3.03
C SER B 8 -46.28 -2.91 4.50
N ASN B 9 -46.05 -4.18 4.82
CA ASN B 9 -45.75 -4.56 6.18
C ASN B 9 -44.74 -5.70 6.16
N ARG B 10 -43.47 -5.35 6.03
CA ARG B 10 -42.41 -6.33 5.97
C ARG B 10 -41.89 -6.71 7.35
N ALA B 11 -42.26 -5.92 8.36
CA ALA B 11 -41.89 -6.19 9.75
C ALA B 11 -42.64 -7.39 10.32
N CYS B 12 -43.86 -7.62 9.84
CA CYS B 12 -44.64 -8.75 10.32
C CYS B 12 -44.31 -10.01 9.53
N TRP B 13 -44.20 -11.15 10.22
CA TRP B 13 -43.90 -12.40 9.54
C TRP B 13 -45.02 -13.41 9.74
N SER B 14 -45.20 -13.86 10.98
CA SER B 14 -46.28 -14.79 11.28
C SER B 14 -46.77 -14.61 12.70
N ASP B 15 -47.80 -15.37 13.04
CA ASP B 15 -48.36 -15.28 14.37
C ASP B 15 -47.28 -15.51 15.44
N GLY B 16 -47.00 -14.48 16.22
CA GLY B 16 -45.98 -14.55 17.25
C GLY B 16 -44.56 -14.39 16.71
N PHE B 17 -44.43 -13.89 15.49
CA PHE B 17 -43.10 -13.69 14.91
C PHE B 17 -43.02 -12.43 14.07
N ASP B 18 -42.10 -11.55 14.41
CA ASP B 18 -41.93 -10.34 13.63
C ASP B 18 -40.48 -9.84 13.74
N ILE B 19 -40.25 -8.63 13.24
CA ILE B 19 -38.90 -8.04 13.22
C ILE B 19 -38.35 -7.79 14.63
N ASN B 20 -39.23 -7.76 15.62
CA ASN B 20 -38.83 -7.49 17.01
C ASN B 20 -38.61 -8.75 17.84
N THR B 21 -38.94 -9.90 17.27
CA THR B 21 -38.73 -11.17 17.96
C THR B 21 -37.24 -11.41 18.12
N ASP B 22 -36.83 -11.88 19.29
CA ASP B 22 -35.44 -12.21 19.50
C ASP B 22 -35.18 -13.56 18.86
N TYR B 23 -34.71 -13.53 17.61
CA TYR B 23 -34.58 -14.73 16.78
C TYR B 23 -33.49 -15.66 17.31
N GLU B 24 -32.80 -15.25 18.37
CA GLU B 24 -31.77 -16.11 18.94
C GLU B 24 -32.30 -17.06 20.00
N VAL B 25 -33.51 -16.80 20.50
CA VAL B 25 -34.10 -17.70 21.50
C VAL B 25 -35.47 -18.22 21.08
N SER B 26 -35.97 -17.73 19.95
CA SER B 26 -37.30 -18.08 19.48
C SER B 26 -37.32 -18.34 17.97
N THR B 27 -37.76 -19.54 17.58
CA THR B 27 -37.76 -19.98 16.19
C THR B 27 -39.13 -20.51 15.80
N PRO B 28 -39.65 -20.11 14.62
CA PRO B 28 -40.93 -20.65 14.16
C PRO B 28 -40.82 -22.16 13.86
N ASP B 29 -41.85 -22.93 14.18
CA ASP B 29 -41.85 -24.35 13.84
C ASP B 29 -42.69 -24.60 12.60
N THR B 30 -42.03 -24.61 11.44
CA THR B 30 -42.73 -24.68 10.16
C THR B 30 -42.96 -26.11 9.68
N GLY B 31 -42.11 -27.03 10.12
CA GLY B 31 -42.21 -28.43 9.74
C GLY B 31 -41.78 -28.66 8.31
N VAL B 32 -41.22 -27.64 7.69
CA VAL B 32 -40.76 -27.73 6.30
C VAL B 32 -39.25 -27.92 6.22
N THR B 33 -38.83 -28.82 5.34
CA THR B 33 -37.42 -29.01 5.02
C THR B 33 -37.20 -28.74 3.53
N GLN B 34 -36.19 -27.95 3.22
CA GLN B 34 -35.77 -27.76 1.84
C GLN B 34 -34.49 -28.54 1.63
N SER B 35 -34.46 -29.33 0.56
CA SER B 35 -33.30 -30.19 0.31
C SER B 35 -32.57 -29.78 -0.97
N TYR B 36 -31.31 -30.16 -1.04
CA TYR B 36 -30.45 -29.77 -2.15
C TYR B 36 -29.40 -30.82 -2.29
N VAL B 37 -28.84 -30.94 -3.49
CA VAL B 37 -27.73 -31.83 -3.70
C VAL B 37 -26.62 -30.99 -4.32
N PHE B 38 -25.43 -31.08 -3.74
CA PHE B 38 -24.24 -30.44 -4.27
C PHE B 38 -23.38 -31.58 -4.76
N ASN B 39 -23.19 -31.64 -6.07
CA ASN B 39 -22.32 -32.63 -6.71
C ASN B 39 -21.06 -31.92 -7.22
N LEU B 40 -19.91 -32.19 -6.62
CA LEU B 40 -18.69 -31.45 -6.94
C LEU B 40 -17.88 -32.14 -8.03
N THR B 41 -17.48 -31.39 -9.05
CA THR B 41 -16.62 -31.92 -10.12
C THR B 41 -15.51 -30.91 -10.46
N GLU B 42 -14.47 -31.44 -11.09
CA GLU B 42 -13.23 -30.72 -11.34
C GLU B 42 -13.08 -30.60 -12.86
N VAL B 43 -12.93 -29.39 -13.37
CA VAL B 43 -12.84 -29.23 -14.82
C VAL B 43 -11.60 -28.46 -15.27
N ASP B 44 -10.88 -29.05 -16.23
CA ASP B 44 -9.65 -28.48 -16.74
C ASP B 44 -9.91 -27.70 -18.02
N ASN B 45 -9.26 -26.56 -18.15
CA ASN B 45 -9.36 -25.69 -19.33
C ASN B 45 -10.76 -25.14 -19.56
N TRP B 46 -11.27 -24.41 -18.58
CA TRP B 46 -12.66 -24.00 -18.54
C TRP B 46 -12.84 -22.55 -18.95
N MET B 47 -13.59 -22.34 -20.01
CA MET B 47 -13.90 -20.98 -20.45
C MET B 47 -14.84 -20.27 -19.50
N GLY B 48 -14.34 -19.21 -18.86
CA GLY B 48 -15.05 -18.52 -17.80
C GLY B 48 -15.83 -17.31 -18.28
N PRO B 49 -16.51 -16.63 -17.34
CA PRO B 49 -17.47 -15.57 -17.65
C PRO B 49 -16.91 -14.44 -18.50
N ASP B 50 -15.63 -14.11 -18.37
CA ASP B 50 -15.06 -13.01 -19.16
C ASP B 50 -14.25 -13.47 -20.37
N GLY B 51 -14.46 -14.71 -20.79
CA GLY B 51 -13.75 -15.23 -21.95
C GLY B 51 -12.44 -15.94 -21.64
N VAL B 52 -11.78 -15.57 -20.55
CA VAL B 52 -10.51 -16.21 -20.25
C VAL B 52 -10.70 -17.69 -19.85
N VAL B 53 -9.80 -18.52 -20.35
CA VAL B 53 -9.77 -19.94 -20.01
C VAL B 53 -8.90 -20.23 -18.79
N LYS B 54 -9.50 -20.83 -17.76
CA LYS B 54 -8.79 -21.17 -16.54
C LYS B 54 -8.26 -22.60 -16.56
N GLU B 55 -7.06 -22.77 -16.03
CA GLU B 55 -6.44 -24.10 -15.96
C GLU B 55 -7.36 -25.11 -15.31
N LYS B 56 -7.88 -24.74 -14.15
CA LYS B 56 -8.73 -25.66 -13.41
C LYS B 56 -9.78 -24.89 -12.63
N VAL B 57 -10.98 -25.46 -12.57
CA VAL B 57 -12.01 -24.95 -11.67
C VAL B 57 -12.66 -26.15 -10.98
N MET B 58 -13.26 -25.90 -9.82
CA MET B 58 -13.97 -26.92 -9.06
C MET B 58 -15.39 -26.43 -8.87
N LEU B 59 -16.35 -27.15 -9.45
CA LEU B 59 -17.69 -26.62 -9.61
C LEU B 59 -18.74 -27.47 -8.88
N ILE B 60 -19.83 -26.82 -8.49
CA ILE B 60 -20.97 -27.51 -7.92
C ILE B 60 -22.05 -27.59 -8.99
N ASN B 61 -22.52 -28.81 -9.27
CA ASN B 61 -23.54 -29.01 -10.29
C ASN B 61 -23.23 -28.31 -11.62
N GLY B 62 -21.95 -28.25 -11.94
CA GLY B 62 -21.49 -27.84 -13.25
C GLY B 62 -21.53 -26.35 -13.53
N ASN B 63 -21.86 -25.55 -12.51
CA ASN B 63 -22.00 -24.11 -12.67
C ASN B 63 -20.98 -23.31 -11.85
N ILE B 64 -20.90 -22.03 -12.16
CA ILE B 64 -19.89 -21.19 -11.51
C ILE B 64 -20.17 -21.02 -10.02
N MET B 65 -21.44 -21.15 -9.65
CA MET B 65 -21.81 -21.14 -8.25
C MET B 65 -22.79 -22.27 -7.99
N GLY B 66 -22.91 -22.66 -6.73
CA GLY B 66 -23.83 -23.71 -6.37
C GLY B 66 -25.25 -23.21 -6.39
N PRO B 67 -26.20 -24.11 -6.10
CA PRO B 67 -27.62 -23.76 -6.00
C PRO B 67 -27.84 -22.59 -5.06
N ASN B 68 -28.69 -21.66 -5.45
CA ASN B 68 -29.10 -20.63 -4.51
C ASN B 68 -30.05 -21.26 -3.46
N ILE B 69 -29.56 -21.43 -2.25
CA ILE B 69 -30.38 -21.96 -1.17
C ILE B 69 -31.46 -20.96 -0.79
N VAL B 70 -32.71 -21.41 -0.82
CA VAL B 70 -33.81 -20.56 -0.41
C VAL B 70 -34.71 -21.31 0.56
N ALA B 71 -34.96 -20.73 1.73
CA ALA B 71 -35.94 -21.30 2.67
C ALA B 71 -36.61 -20.21 3.50
N ASN B 72 -37.48 -20.64 4.42
CA ASN B 72 -38.16 -19.75 5.32
C ASN B 72 -37.55 -19.84 6.71
N TRP B 73 -37.60 -18.73 7.43
CA TRP B 73 -37.26 -18.70 8.86
C TRP B 73 -37.95 -19.88 9.55
N GLY B 74 -37.17 -20.74 10.19
CA GLY B 74 -37.75 -21.83 10.95
C GLY B 74 -37.72 -23.18 10.25
N ASP B 75 -37.68 -23.17 8.93
CA ASP B 75 -37.55 -24.40 8.16
C ASP B 75 -36.28 -25.16 8.56
N THR B 76 -36.11 -26.34 7.98
CA THR B 76 -34.85 -27.06 8.08
C THR B 76 -34.21 -27.09 6.70
N VAL B 77 -32.89 -26.98 6.65
CA VAL B 77 -32.16 -27.07 5.39
C VAL B 77 -31.29 -28.31 5.46
N GLU B 78 -31.40 -29.14 4.44
CA GLU B 78 -30.66 -30.40 4.40
C GLU B 78 -30.02 -30.54 3.02
N VAL B 79 -28.71 -30.76 3.01
CA VAL B 79 -27.95 -30.76 1.78
C VAL B 79 -27.07 -32.00 1.73
N THR B 80 -27.21 -32.80 0.68
CA THR B 80 -26.31 -33.91 0.46
C THR B 80 -25.15 -33.47 -0.44
N VAL B 81 -23.93 -33.59 0.06
CA VAL B 81 -22.77 -33.17 -0.71
C VAL B 81 -22.01 -34.37 -1.22
N ILE B 82 -21.83 -34.46 -2.54
CA ILE B 82 -21.15 -35.60 -3.16
C ILE B 82 -19.89 -35.09 -3.83
N ASN B 83 -18.75 -35.65 -3.42
CA ASN B 83 -17.47 -35.13 -3.83
C ASN B 83 -16.89 -35.95 -4.97
N ASN B 84 -17.11 -35.46 -6.18
CA ASN B 84 -16.57 -36.10 -7.38
C ASN B 84 -15.37 -35.36 -7.92
N LEU B 85 -14.64 -34.69 -7.04
CA LEU B 85 -13.35 -34.13 -7.39
C LEU B 85 -12.38 -35.27 -7.57
N VAL B 86 -11.23 -35.00 -8.18
CA VAL B 86 -10.25 -36.03 -8.46
C VAL B 86 -9.44 -36.46 -7.22
N THR B 87 -8.88 -35.48 -6.51
CA THR B 87 -7.97 -35.76 -5.39
C THR B 87 -8.30 -35.04 -4.09
N ASN B 88 -8.98 -33.89 -4.19
CA ASN B 88 -9.29 -33.08 -3.01
C ASN B 88 -10.40 -33.66 -2.15
N GLY B 89 -10.25 -33.58 -0.83
CA GLY B 89 -11.39 -33.78 0.03
C GLY B 89 -12.25 -32.53 -0.09
N THR B 90 -13.40 -32.48 0.58
CA THR B 90 -14.18 -31.26 0.62
C THR B 90 -14.95 -31.15 1.94
N SER B 91 -15.42 -29.95 2.27
CA SER B 91 -16.26 -29.72 3.45
C SER B 91 -16.97 -28.40 3.24
N ILE B 92 -18.28 -28.40 3.43
CA ILE B 92 -19.10 -27.23 3.14
C ILE B 92 -19.48 -26.47 4.40
N HIS B 93 -18.89 -25.28 4.55
CA HIS B 93 -19.22 -24.40 5.66
C HIS B 93 -20.39 -23.47 5.31
N TRP B 94 -21.34 -23.36 6.23
CA TRP B 94 -22.50 -22.51 6.04
C TRP B 94 -22.21 -21.20 6.76
N HIS B 95 -21.58 -20.27 6.03
CA HIS B 95 -21.05 -19.04 6.63
C HIS B 95 -22.17 -18.14 7.14
N GLY B 96 -22.17 -17.90 8.45
CA GLY B 96 -23.14 -17.01 9.04
C GLY B 96 -24.29 -17.75 9.71
N ILE B 97 -24.29 -19.08 9.59
CA ILE B 97 -25.33 -19.91 10.22
C ILE B 97 -24.79 -20.38 11.56
N HIS B 98 -25.51 -20.06 12.63
CA HIS B 98 -25.04 -20.29 14.00
C HIS B 98 -24.79 -21.77 14.33
N GLN B 99 -25.49 -22.65 13.60
CA GLN B 99 -25.44 -24.08 13.90
C GLN B 99 -25.73 -24.34 15.38
N LYS B 100 -26.87 -23.85 15.85
CA LYS B 100 -27.21 -23.96 17.28
C LYS B 100 -27.38 -25.42 17.69
N ASP B 101 -26.43 -25.93 18.47
CA ASP B 101 -26.42 -27.33 18.88
C ASP B 101 -26.33 -28.29 17.71
N THR B 102 -25.70 -27.81 16.63
CA THR B 102 -25.37 -28.64 15.48
C THR B 102 -23.91 -28.41 15.05
N ASN B 103 -23.02 -28.24 16.02
CA ASN B 103 -21.60 -28.04 15.74
C ASN B 103 -21.05 -28.99 14.67
N LEU B 104 -21.49 -30.24 14.69
CA LEU B 104 -20.96 -31.26 13.78
C LEU B 104 -21.39 -31.05 12.33
N HIS B 105 -22.22 -30.05 12.10
CA HIS B 105 -22.68 -29.74 10.75
C HIS B 105 -22.10 -28.42 10.26
N ASP B 106 -21.10 -27.91 10.97
CA ASP B 106 -20.51 -26.60 10.68
C ASP B 106 -19.67 -26.59 9.40
N GLY B 107 -19.13 -27.74 9.03
CA GLY B 107 -18.39 -27.83 7.77
C GLY B 107 -16.92 -27.46 7.87
N ALA B 108 -16.40 -27.39 9.09
CA ALA B 108 -14.99 -27.03 9.29
C ALA B 108 -14.09 -28.26 9.37
N ASN B 109 -13.53 -28.67 8.23
CA ASN B 109 -12.69 -29.84 8.22
C ASN B 109 -11.47 -29.73 9.14
N GLY B 110 -11.20 -30.81 9.86
CA GLY B 110 -10.12 -30.83 10.83
C GLY B 110 -10.61 -30.35 12.18
N VAL B 111 -11.81 -29.79 12.22
CA VAL B 111 -12.39 -29.35 13.48
C VAL B 111 -13.65 -30.13 13.82
N THR B 112 -14.71 -29.93 13.03
CA THR B 112 -15.98 -30.59 13.31
C THR B 112 -16.23 -31.86 12.49
N GLU B 113 -15.29 -32.20 11.62
CA GLU B 113 -15.47 -33.36 10.74
C GLU B 113 -14.15 -33.64 10.04
N CYS B 114 -14.08 -34.81 9.40
CA CYS B 114 -13.03 -35.09 8.41
C CYS B 114 -13.58 -34.66 7.05
N PRO B 115 -12.69 -34.32 6.12
CA PRO B 115 -13.17 -33.98 4.78
C PRO B 115 -13.83 -35.18 4.13
N ILE B 116 -14.87 -34.91 3.35
CA ILE B 116 -15.50 -35.90 2.49
C ILE B 116 -14.50 -36.29 1.40
N PRO B 117 -14.22 -37.59 1.24
CA PRO B 117 -13.20 -38.05 0.30
C PRO B 117 -13.70 -37.87 -1.14
N PRO B 118 -12.76 -37.74 -2.08
CA PRO B 118 -13.07 -37.49 -3.49
C PRO B 118 -13.52 -38.78 -4.15
N LYS B 119 -13.69 -38.76 -5.47
CA LYS B 119 -14.07 -39.97 -6.19
C LYS B 119 -15.34 -40.59 -5.60
N GLY B 120 -16.30 -39.74 -5.22
CA GLY B 120 -17.64 -40.17 -4.88
C GLY B 120 -18.06 -40.17 -3.42
N GLY B 121 -17.20 -39.68 -2.53
CA GLY B 121 -17.55 -39.61 -1.13
C GLY B 121 -18.79 -38.74 -0.94
N GLN B 122 -19.57 -39.01 0.09
CA GLN B 122 -20.79 -38.23 0.30
C GLN B 122 -21.12 -38.05 1.79
N ARG B 123 -21.80 -36.96 2.11
CA ARG B 123 -22.23 -36.67 3.47
C ARG B 123 -23.36 -35.67 3.46
N THR B 124 -24.36 -35.90 4.29
CA THR B 124 -25.52 -35.01 4.35
C THR B 124 -25.47 -34.09 5.55
N TYR B 125 -25.60 -32.79 5.28
CA TYR B 125 -25.63 -31.78 6.33
C TYR B 125 -27.07 -31.37 6.57
N ARG B 126 -27.40 -31.06 7.82
CA ARG B 126 -28.75 -30.64 8.16
C ARG B 126 -28.67 -29.63 9.28
N TRP B 127 -29.27 -28.46 9.06
CA TRP B 127 -29.29 -27.43 10.10
C TRP B 127 -30.64 -26.72 10.11
N ARG B 128 -30.93 -26.02 11.21
CA ARG B 128 -32.20 -25.32 11.34
C ARG B 128 -31.97 -23.86 10.99
N ALA B 129 -32.92 -23.25 10.29
CA ALA B 129 -32.83 -21.82 9.98
C ALA B 129 -33.37 -20.97 11.14
N ARG B 130 -32.51 -20.69 12.11
CA ARG B 130 -32.90 -19.92 13.28
C ARG B 130 -32.50 -18.46 13.12
N GLN B 131 -32.21 -18.07 11.89
CA GLN B 131 -31.85 -16.70 11.55
C GLN B 131 -32.37 -16.47 10.14
N TYR B 132 -32.86 -15.27 9.86
CA TYR B 132 -33.31 -14.96 8.51
C TYR B 132 -32.41 -13.87 7.93
N GLY B 133 -32.20 -13.89 6.62
CA GLY B 133 -31.29 -12.95 6.01
C GLY B 133 -30.49 -13.55 4.87
N THR B 134 -29.32 -12.98 4.64
CA THR B 134 -28.50 -13.38 3.51
C THR B 134 -27.20 -13.94 4.06
N SER B 135 -26.94 -15.21 3.76
CA SER B 135 -25.66 -15.84 4.10
C SER B 135 -25.01 -16.43 2.85
N TRP B 136 -24.04 -17.30 3.02
CA TRP B 136 -23.41 -17.98 1.89
C TRP B 136 -22.72 -19.24 2.38
N TYR B 137 -22.35 -20.12 1.47
CA TYR B 137 -21.62 -21.30 1.87
C TYR B 137 -20.41 -21.47 0.98
N HIS B 138 -19.44 -22.27 1.42
CA HIS B 138 -18.22 -22.45 0.67
C HIS B 138 -17.42 -23.57 1.28
N SER B 139 -16.48 -24.09 0.51
CA SER B 139 -15.56 -25.10 1.00
C SER B 139 -14.75 -24.50 2.14
N HIS B 140 -14.27 -25.36 3.02
CA HIS B 140 -13.30 -24.97 4.01
C HIS B 140 -12.06 -25.83 3.86
N PHE B 141 -12.00 -26.58 2.76
CA PHE B 141 -10.83 -27.40 2.47
C PHE B 141 -9.74 -26.49 1.93
N SER B 142 -8.81 -26.07 2.78
CA SER B 142 -7.81 -25.08 2.37
C SER B 142 -8.50 -23.95 1.59
N ALA B 143 -7.95 -23.59 0.42
CA ALA B 143 -8.47 -22.45 -0.35
C ALA B 143 -9.35 -22.88 -1.53
N GLN B 144 -9.88 -24.09 -1.40
CA GLN B 144 -10.66 -24.70 -2.47
C GLN B 144 -11.84 -23.84 -2.94
N TYR B 145 -12.43 -23.07 -2.04
CA TYR B 145 -13.58 -22.26 -2.45
C TYR B 145 -13.18 -21.21 -3.48
N GLY B 146 -11.88 -20.95 -3.57
CA GLY B 146 -11.34 -20.07 -4.59
C GLY B 146 -11.42 -20.64 -5.98
N ASN B 147 -11.71 -21.94 -6.09
CA ASN B 147 -11.87 -22.63 -7.37
C ASN B 147 -13.31 -22.72 -7.88
N GLY B 148 -14.27 -22.35 -7.05
CA GLY B 148 -15.66 -22.31 -7.45
C GLY B 148 -16.66 -22.98 -6.51
N VAL B 149 -16.18 -23.57 -5.43
CA VAL B 149 -17.06 -24.24 -4.49
C VAL B 149 -17.67 -23.23 -3.54
N VAL B 150 -18.70 -22.54 -4.01
CA VAL B 150 -19.29 -21.42 -3.28
C VAL B 150 -20.70 -21.19 -3.77
N GLY B 151 -21.60 -20.81 -2.87
CA GLY B 151 -22.98 -20.50 -3.22
C GLY B 151 -23.65 -19.55 -2.24
N THR B 152 -24.91 -19.20 -2.47
CA THR B 152 -25.60 -18.26 -1.59
C THR B 152 -26.76 -18.87 -0.79
N ILE B 153 -27.14 -18.17 0.28
CA ILE B 153 -28.24 -18.61 1.15
C ILE B 153 -29.20 -17.47 1.47
N GLN B 154 -30.46 -17.64 1.08
CA GLN B 154 -31.51 -16.69 1.40
C GLN B 154 -32.53 -17.36 2.31
N ILE B 155 -32.60 -16.91 3.56
CA ILE B 155 -33.61 -17.41 4.47
C ILE B 155 -34.61 -16.28 4.66
N ASN B 156 -35.81 -16.44 4.11
CA ASN B 156 -36.81 -15.37 4.18
C ASN B 156 -37.34 -15.11 5.59
N GLY B 157 -37.82 -13.89 5.84
CA GLY B 157 -38.21 -13.46 7.17
C GLY B 157 -38.66 -12.01 7.17
N PRO B 158 -38.85 -11.42 8.37
CA PRO B 158 -39.24 -10.01 8.44
C PRO B 158 -38.08 -9.11 8.02
N ALA B 159 -38.36 -7.82 7.84
CA ALA B 159 -37.35 -6.84 7.47
C ALA B 159 -37.65 -5.53 8.17
N SER B 160 -36.63 -4.68 8.33
CA SER B 160 -36.74 -3.46 9.13
C SER B 160 -37.34 -2.30 8.36
N LEU B 161 -37.63 -2.53 7.08
CA LEU B 161 -38.22 -1.52 6.22
C LEU B 161 -39.17 -2.26 5.29
N PRO B 162 -40.25 -1.59 4.86
CA PRO B 162 -41.10 -2.12 3.79
C PRO B 162 -40.40 -1.97 2.44
N TYR B 163 -40.63 -2.94 1.56
CA TYR B 163 -40.10 -2.91 0.21
C TYR B 163 -41.01 -3.76 -0.67
N ASP B 164 -41.02 -3.48 -1.97
CA ASP B 164 -42.00 -4.10 -2.86
C ASP B 164 -41.46 -5.33 -3.57
N ILE B 165 -40.20 -5.26 -4.01
CA ILE B 165 -39.60 -6.33 -4.78
C ILE B 165 -38.32 -6.82 -4.12
N ASP B 166 -38.21 -8.13 -3.93
CA ASP B 166 -36.96 -8.74 -3.49
C ASP B 166 -36.17 -9.18 -4.74
N LEU B 167 -35.10 -8.46 -5.04
CA LEU B 167 -34.27 -8.79 -6.20
C LEU B 167 -33.41 -10.01 -5.93
N GLY B 168 -33.39 -10.46 -4.69
CA GLY B 168 -32.60 -11.64 -4.34
C GLY B 168 -31.11 -11.38 -4.21
N VAL B 169 -30.34 -12.45 -4.33
CA VAL B 169 -28.91 -12.41 -4.03
C VAL B 169 -28.05 -11.81 -5.14
N PHE B 170 -27.06 -11.01 -4.72
CA PHE B 170 -26.20 -10.28 -5.64
C PHE B 170 -24.76 -10.41 -5.17
N PRO B 171 -24.15 -11.58 -5.37
CA PRO B 171 -22.81 -11.87 -4.88
C PRO B 171 -21.73 -11.18 -5.71
N ILE B 172 -20.74 -10.64 -5.05
CA ILE B 172 -19.61 -10.03 -5.73
C ILE B 172 -18.34 -10.76 -5.30
N THR B 173 -17.52 -11.20 -6.25
CA THR B 173 -16.28 -11.86 -5.87
C THR B 173 -15.07 -11.51 -6.72
N ASP B 174 -13.91 -11.56 -6.10
CA ASP B 174 -12.70 -11.46 -6.91
C ASP B 174 -12.63 -12.70 -7.80
N TYR B 175 -11.87 -12.58 -8.87
CA TYR B 175 -11.80 -13.62 -9.89
C TYR B 175 -10.38 -13.72 -10.37
N TYR B 176 -9.76 -14.87 -10.13
CA TYR B 176 -8.36 -15.10 -10.52
C TYR B 176 -8.32 -16.20 -11.56
N TYR B 177 -7.55 -15.97 -12.62
CA TYR B 177 -7.39 -16.98 -13.64
C TYR B 177 -6.59 -18.14 -13.05
N ARG B 178 -5.69 -17.83 -12.13
CA ARG B 178 -4.85 -18.88 -11.54
C ARG B 178 -5.63 -19.69 -10.52
N ALA B 179 -5.21 -20.95 -10.33
CA ALA B 179 -5.93 -21.87 -9.46
C ALA B 179 -5.61 -21.56 -8.00
N ALA B 180 -6.53 -21.94 -7.12
CA ALA B 180 -6.41 -21.65 -5.70
C ALA B 180 -5.13 -22.21 -5.08
N ASP B 181 -4.83 -23.49 -5.35
CA ASP B 181 -3.66 -24.11 -4.75
C ASP B 181 -2.37 -23.45 -5.22
N ASP B 182 -2.34 -23.09 -6.50
CA ASP B 182 -1.26 -22.29 -7.03
C ASP B 182 -1.15 -20.92 -6.36
N LEU B 183 -2.27 -20.29 -6.08
CA LEU B 183 -2.25 -18.98 -5.41
C LEU B 183 -1.85 -19.12 -3.93
N VAL B 184 -2.23 -20.23 -3.31
CA VAL B 184 -1.73 -20.51 -1.98
C VAL B 184 -0.20 -20.61 -2.02
N HIS B 185 0.34 -21.37 -2.98
CA HIS B 185 1.79 -21.51 -3.04
C HIS B 185 2.46 -20.19 -3.36
N PHE B 186 1.75 -19.32 -4.06
CA PHE B 186 2.29 -18.02 -4.46
C PHE B 186 2.32 -17.01 -3.31
N THR B 187 1.29 -17.03 -2.46
CA THR B 187 1.21 -16.05 -1.35
C THR B 187 2.01 -16.50 -0.12
N GLN B 188 2.50 -17.74 -0.15
CA GLN B 188 3.44 -18.20 0.87
C GLN B 188 4.80 -17.49 0.76
N ASN B 189 5.09 -16.93 -0.40
CA ASN B 189 6.36 -16.22 -0.58
C ASN B 189 6.24 -14.92 -1.38
N ASN B 190 5.01 -14.46 -1.59
CA ASN B 190 4.76 -13.24 -2.34
C ASN B 190 3.52 -12.54 -1.81
N ALA B 191 3.50 -11.21 -1.86
CA ALA B 191 2.30 -10.49 -1.48
C ALA B 191 1.16 -10.95 -2.39
N PRO B 192 -0.08 -10.98 -1.87
CA PRO B 192 -1.22 -11.34 -2.71
C PRO B 192 -1.36 -10.44 -3.95
N PRO B 193 -1.70 -11.03 -5.11
CA PRO B 193 -1.85 -10.23 -6.32
C PRO B 193 -3.19 -9.53 -6.35
N PHE B 194 -3.33 -8.51 -7.20
CA PHE B 194 -4.63 -7.94 -7.50
C PHE B 194 -5.45 -9.01 -8.20
N SER B 195 -6.76 -8.93 -8.10
CA SER B 195 -7.61 -9.88 -8.83
C SER B 195 -7.60 -9.60 -10.34
N ASP B 196 -7.82 -10.62 -11.14
CA ASP B 196 -7.85 -10.44 -12.59
C ASP B 196 -9.14 -9.75 -13.00
N ASN B 197 -10.21 -9.97 -12.23
CA ASN B 197 -11.47 -9.32 -12.50
C ASN B 197 -12.36 -9.43 -11.28
N VAL B 198 -13.53 -8.81 -11.35
CA VAL B 198 -14.53 -8.94 -10.29
C VAL B 198 -15.83 -9.38 -10.94
N LEU B 199 -16.32 -10.55 -10.55
CA LEU B 199 -17.60 -11.02 -11.03
C LEU B 199 -18.69 -10.39 -10.22
N ILE B 200 -19.75 -9.94 -10.89
CA ILE B 200 -20.95 -9.50 -10.21
C ILE B 200 -22.14 -10.36 -10.66
N ASN B 201 -22.78 -11.01 -9.70
CA ASN B 201 -23.82 -11.98 -10.00
C ASN B 201 -23.36 -12.97 -11.07
N GLY B 202 -22.07 -13.33 -11.01
CA GLY B 202 -21.51 -14.38 -11.83
C GLY B 202 -20.95 -13.95 -13.18
N THR B 203 -20.86 -12.65 -13.41
CA THR B 203 -20.45 -12.18 -14.73
C THR B 203 -19.57 -10.93 -14.69
N ALA B 204 -18.76 -10.73 -15.75
CA ALA B 204 -17.97 -9.52 -15.85
C ALA B 204 -17.56 -9.30 -17.29
N VAL B 205 -17.10 -8.10 -17.60
CA VAL B 205 -16.55 -7.83 -18.92
C VAL B 205 -15.06 -7.89 -18.75
N ASN B 206 -14.36 -8.44 -19.73
CA ASN B 206 -12.91 -8.45 -19.68
C ASN B 206 -12.35 -7.11 -20.18
N PRO B 207 -11.56 -6.43 -19.33
CA PRO B 207 -11.04 -5.09 -19.64
C PRO B 207 -10.25 -5.06 -20.94
N ASN B 208 -9.62 -6.18 -21.27
CA ASN B 208 -8.71 -6.25 -22.42
C ASN B 208 -9.37 -6.57 -23.75
N THR B 209 -10.39 -7.44 -23.72
CA THR B 209 -10.96 -7.94 -24.96
C THR B 209 -12.38 -7.46 -25.18
N GLY B 210 -13.00 -6.93 -24.13
CA GLY B 210 -14.37 -6.49 -24.20
C GLY B 210 -15.35 -7.64 -24.12
N GLU B 211 -14.83 -8.86 -24.05
CA GLU B 211 -15.67 -10.06 -24.01
C GLU B 211 -16.53 -10.12 -22.74
N GLY B 212 -17.51 -11.01 -22.74
CA GLY B 212 -18.34 -11.23 -21.56
C GLY B 212 -19.52 -10.28 -21.45
N GLN B 213 -20.07 -10.14 -20.25
CA GLN B 213 -21.24 -9.29 -20.08
C GLN B 213 -21.33 -8.66 -18.70
N TYR B 214 -21.90 -7.46 -18.66
CA TYR B 214 -22.19 -6.78 -17.40
C TYR B 214 -23.41 -7.43 -16.74
N ALA B 215 -23.39 -7.57 -15.42
CA ALA B 215 -24.59 -7.95 -14.70
C ALA B 215 -25.65 -6.89 -15.03
N ASN B 216 -26.87 -7.32 -15.35
CA ASN B 216 -27.91 -6.38 -15.75
C ASN B 216 -29.13 -6.50 -14.84
N VAL B 217 -29.27 -5.56 -13.91
CA VAL B 217 -30.38 -5.56 -12.96
C VAL B 217 -31.51 -4.64 -13.43
N THR B 218 -32.70 -5.20 -13.67
CA THR B 218 -33.81 -4.34 -14.07
C THR B 218 -34.66 -3.84 -12.89
N LEU B 219 -34.80 -2.53 -12.81
CA LEU B 219 -35.59 -1.89 -11.75
C LEU B 219 -36.99 -1.49 -12.22
N THR B 220 -37.98 -1.73 -11.38
CA THR B 220 -39.34 -1.28 -11.64
C THR B 220 -39.47 0.15 -11.11
N PRO B 221 -39.73 1.11 -12.01
CA PRO B 221 -39.87 2.54 -11.70
C PRO B 221 -40.79 2.83 -10.51
N GLY B 222 -40.32 3.67 -9.60
CA GLY B 222 -41.10 4.07 -8.43
C GLY B 222 -41.15 3.05 -7.30
N LYS B 223 -40.58 1.87 -7.52
CA LYS B 223 -40.65 0.80 -6.53
C LYS B 223 -39.48 0.79 -5.54
N ARG B 224 -39.70 0.16 -4.38
CA ARG B 224 -38.62 -0.13 -3.44
C ARG B 224 -38.13 -1.55 -3.63
N HIS B 225 -36.82 -1.70 -3.83
CA HIS B 225 -36.24 -3.01 -4.15
C HIS B 225 -35.26 -3.46 -3.09
N ARG B 226 -35.41 -4.67 -2.59
CA ARG B 226 -34.42 -5.24 -1.69
C ARG B 226 -33.32 -5.90 -2.50
N LEU B 227 -32.08 -5.51 -2.27
CA LEU B 227 -30.93 -6.10 -2.94
C LEU B 227 -30.00 -6.71 -1.90
N ARG B 228 -29.58 -7.94 -2.13
CA ARG B 228 -28.83 -8.68 -1.13
C ARG B 228 -27.37 -8.81 -1.54
N ILE B 229 -26.55 -7.85 -1.12
CA ILE B 229 -25.15 -7.76 -1.53
C ILE B 229 -24.23 -8.66 -0.68
N LEU B 230 -23.43 -9.49 -1.33
CA LEU B 230 -22.44 -10.31 -0.63
C LEU B 230 -21.06 -10.13 -1.22
N ASN B 231 -20.04 -10.22 -0.37
CA ASN B 231 -18.66 -10.29 -0.81
C ASN B 231 -18.22 -11.71 -0.57
N THR B 232 -18.25 -12.52 -1.62
CA THR B 232 -17.85 -13.90 -1.53
C THR B 232 -16.42 -14.14 -2.04
N SER B 233 -15.57 -13.11 -1.96
CA SER B 233 -14.20 -13.21 -2.47
C SER B 233 -13.33 -14.13 -1.62
N THR B 234 -12.09 -14.28 -2.08
CA THR B 234 -11.02 -14.90 -1.30
C THR B 234 -10.09 -13.82 -0.72
N GLU B 235 -10.07 -12.63 -1.31
CA GLU B 235 -9.17 -11.60 -0.76
C GLU B 235 -9.66 -10.16 -0.87
N ASN B 236 -10.16 -9.80 -2.04
CA ASN B 236 -10.74 -8.48 -2.29
C ASN B 236 -11.79 -8.03 -1.26
N HIS B 237 -11.58 -6.85 -0.69
CA HIS B 237 -12.59 -6.12 0.07
C HIS B 237 -13.12 -5.01 -0.85
N PHE B 238 -14.43 -4.89 -0.97
CA PHE B 238 -15.00 -3.96 -1.96
C PHE B 238 -15.69 -2.75 -1.33
N GLN B 239 -15.68 -1.65 -2.07
CA GLN B 239 -16.58 -0.53 -1.84
C GLN B 239 -17.66 -0.57 -2.93
N VAL B 240 -18.94 -0.37 -2.58
CA VAL B 240 -19.97 -0.36 -3.63
C VAL B 240 -20.84 0.91 -3.61
N SER B 241 -21.33 1.29 -4.78
CA SER B 241 -22.20 2.46 -4.92
C SER B 241 -23.00 2.41 -6.22
N LEU B 242 -24.14 3.09 -6.24
CA LEU B 242 -24.98 3.14 -7.43
C LEU B 242 -25.11 4.60 -7.87
N VAL B 243 -24.62 4.92 -9.06
CA VAL B 243 -24.67 6.31 -9.54
C VAL B 243 -26.06 6.93 -9.34
N ASN B 244 -26.07 8.12 -8.76
CA ASN B 244 -27.30 8.90 -8.50
C ASN B 244 -28.35 8.23 -7.64
N HIS B 245 -27.97 7.18 -6.91
CA HIS B 245 -28.86 6.55 -5.96
C HIS B 245 -28.19 6.39 -4.61
N THR B 246 -29.00 6.42 -3.55
CA THR B 246 -28.54 6.05 -2.22
C THR B 246 -28.93 4.60 -2.00
N MET B 247 -28.35 3.98 -0.98
CA MET B 247 -28.75 2.64 -0.56
C MET B 247 -29.16 2.68 0.91
N THR B 248 -30.29 2.06 1.26
CA THR B 248 -30.67 2.03 2.68
C THR B 248 -30.41 0.65 3.30
N VAL B 249 -29.45 0.57 4.22
CA VAL B 249 -29.12 -0.70 4.85
C VAL B 249 -30.25 -1.16 5.76
N ILE B 250 -30.68 -2.42 5.61
CA ILE B 250 -31.69 -2.99 6.48
C ILE B 250 -31.18 -4.23 7.22
N ALA B 251 -30.02 -4.72 6.83
CA ALA B 251 -29.39 -5.87 7.49
C ALA B 251 -27.89 -5.86 7.31
N ALA B 252 -27.18 -6.35 8.31
CA ALA B 252 -25.73 -6.53 8.20
C ALA B 252 -25.41 -7.98 8.50
N ASP B 253 -24.69 -8.63 7.58
CA ASP B 253 -24.54 -10.08 7.64
C ASP B 253 -25.93 -10.64 7.92
N MET B 254 -26.07 -11.60 8.81
CA MET B 254 -27.39 -12.15 9.11
C MET B 254 -28.20 -11.40 10.21
N VAL B 255 -27.88 -10.14 10.47
CA VAL B 255 -28.53 -9.38 11.55
C VAL B 255 -29.30 -8.15 11.07
N PRO B 256 -30.62 -8.15 11.28
CA PRO B 256 -31.35 -6.96 10.85
C PRO B 256 -30.95 -5.75 11.69
N VAL B 257 -30.87 -4.59 11.04
CA VAL B 257 -30.53 -3.33 11.67
C VAL B 257 -31.55 -2.27 11.28
N ASN B 258 -31.70 -1.26 12.12
CA ASN B 258 -32.55 -0.12 11.81
C ASN B 258 -32.05 0.53 10.53
N ALA B 259 -32.99 1.01 9.72
CA ALA B 259 -32.65 1.61 8.42
C ALA B 259 -31.57 2.68 8.52
N MET B 260 -30.55 2.57 7.68
CA MET B 260 -29.49 3.55 7.60
C MET B 260 -29.17 3.81 6.13
N THR B 261 -29.44 5.02 5.67
CA THR B 261 -29.27 5.40 4.28
C THR B 261 -27.85 5.89 4.02
N VAL B 262 -27.19 5.32 3.01
CA VAL B 262 -25.80 5.64 2.67
C VAL B 262 -25.57 5.90 1.17
N ASP B 263 -24.43 6.51 0.84
CA ASP B 263 -24.03 6.74 -0.54
C ASP B 263 -23.23 5.55 -1.05
N SER B 264 -22.53 4.89 -0.13
CA SER B 264 -21.62 3.80 -0.51
C SER B 264 -21.38 2.92 0.70
N LEU B 265 -20.93 1.69 0.45
CA LEU B 265 -20.75 0.72 1.51
C LEU B 265 -19.46 -0.04 1.35
N PHE B 266 -18.79 -0.36 2.45
CA PHE B 266 -17.64 -1.24 2.40
C PHE B 266 -18.07 -2.63 2.81
N LEU B 267 -17.73 -3.63 2.00
CA LEU B 267 -17.90 -5.01 2.44
C LEU B 267 -16.58 -5.76 2.52
N ALA B 268 -16.25 -6.20 3.72
CA ALA B 268 -15.11 -7.10 3.88
C ALA B 268 -15.40 -8.45 3.27
N VAL B 269 -14.35 -9.25 3.13
CA VAL B 269 -14.52 -10.63 2.66
C VAL B 269 -15.53 -11.35 3.57
N GLY B 270 -16.61 -11.84 2.98
CA GLY B 270 -17.59 -12.60 3.73
C GLY B 270 -18.71 -11.79 4.36
N GLN B 271 -18.62 -10.47 4.26
CA GLN B 271 -19.69 -9.60 4.76
C GLN B 271 -20.82 -9.51 3.74
N ARG B 272 -22.02 -9.30 4.27
CA ARG B 272 -23.23 -9.09 3.48
C ARG B 272 -23.93 -7.85 3.99
N TYR B 273 -24.71 -7.23 3.12
CA TYR B 273 -25.60 -6.14 3.50
C TYR B 273 -26.84 -6.28 2.66
N ASP B 274 -28.01 -6.30 3.29
CA ASP B 274 -29.23 -6.18 2.50
C ASP B 274 -29.55 -4.70 2.46
N VAL B 275 -29.81 -4.18 1.27
CA VAL B 275 -30.19 -2.78 1.14
C VAL B 275 -31.49 -2.60 0.38
N VAL B 276 -32.13 -1.46 0.60
CA VAL B 276 -33.32 -1.09 -0.15
C VAL B 276 -32.97 0.08 -1.06
N ILE B 277 -33.29 -0.07 -2.34
CA ILE B 277 -33.03 0.98 -3.31
C ILE B 277 -34.36 1.49 -3.86
N ASP B 278 -34.56 2.80 -3.81
CA ASP B 278 -35.77 3.41 -4.35
C ASP B 278 -35.55 3.90 -5.76
N ALA B 279 -36.29 3.33 -6.70
CA ALA B 279 -36.15 3.64 -8.11
C ALA B 279 -36.96 4.89 -8.43
N SER B 280 -36.48 6.03 -7.96
CA SER B 280 -37.23 7.29 -8.05
C SER B 280 -36.49 8.34 -8.86
N ARG B 281 -35.42 7.92 -9.54
CA ARG B 281 -34.70 8.78 -10.46
C ARG B 281 -35.30 8.68 -11.85
N ALA B 282 -34.84 9.53 -12.77
CA ALA B 282 -35.35 9.49 -14.13
C ALA B 282 -35.01 8.15 -14.74
N PRO B 283 -35.95 7.54 -15.49
CA PRO B 283 -35.69 6.24 -16.08
C PRO B 283 -34.45 6.29 -16.96
N ASP B 284 -33.46 5.48 -16.63
CA ASP B 284 -32.22 5.54 -17.35
C ASP B 284 -31.44 4.28 -17.01
N ASN B 285 -30.22 4.20 -17.56
CA ASN B 285 -29.25 3.18 -17.18
C ASN B 285 -28.20 3.75 -16.24
N TYR B 286 -27.97 3.08 -15.11
CA TYR B 286 -27.05 3.57 -14.08
C TYR B 286 -25.97 2.53 -13.75
N TRP B 287 -24.72 2.98 -13.63
CA TRP B 287 -23.64 2.08 -13.21
C TRP B 287 -23.76 1.75 -11.72
N PHE B 288 -23.52 0.49 -11.38
CA PHE B 288 -23.33 0.02 -10.02
C PHE B 288 -21.85 -0.29 -9.97
N ASN B 289 -21.07 0.53 -9.25
CA ASN B 289 -19.61 0.44 -9.30
C ASN B 289 -18.99 -0.31 -8.13
N VAL B 290 -18.01 -1.16 -8.45
CA VAL B 290 -17.12 -1.71 -7.43
C VAL B 290 -15.83 -0.89 -7.39
N THR B 291 -15.51 -0.33 -6.22
CA THR B 291 -14.28 0.44 -6.07
C THR B 291 -13.50 -0.05 -4.84
N PHE B 292 -12.27 0.43 -4.70
CA PHE B 292 -11.39 0.04 -3.60
C PHE B 292 -10.82 1.25 -2.90
N GLY B 293 -10.52 1.11 -1.61
CA GLY B 293 -9.90 2.15 -0.82
C GLY B 293 -8.77 1.56 0.01
N GLY B 294 -8.40 2.24 1.08
CA GLY B 294 -7.38 1.72 1.98
C GLY B 294 -6.02 1.54 1.31
N GLN B 295 -5.74 2.32 0.28
CA GLN B 295 -4.41 2.29 -0.33
C GLN B 295 -4.03 0.85 -0.70
N ALA B 296 -4.97 0.11 -1.31
CA ALA B 296 -4.74 -1.27 -1.74
C ALA B 296 -4.35 -2.25 -0.65
N ALA B 297 -4.54 -1.86 0.61
CA ALA B 297 -4.15 -2.70 1.74
C ALA B 297 -5.08 -3.89 1.93
N CYS B 298 -6.33 -3.74 1.52
CA CYS B 298 -7.23 -4.87 1.56
C CYS B 298 -7.70 -5.27 0.15
N GLY B 299 -6.82 -5.04 -0.83
CA GLY B 299 -7.02 -5.56 -2.16
C GLY B 299 -7.25 -4.59 -3.31
N GLY B 300 -7.36 -5.15 -4.52
CA GLY B 300 -7.65 -4.39 -5.70
C GLY B 300 -7.77 -5.31 -6.90
N SER B 301 -8.14 -4.75 -8.05
CA SER B 301 -8.33 -5.56 -9.23
C SER B 301 -7.61 -4.96 -10.43
N LEU B 302 -7.26 -5.83 -11.38
CA LEU B 302 -6.63 -5.38 -12.61
C LEU B 302 -7.69 -4.82 -13.54
N ASN B 303 -8.95 -5.18 -13.32
CA ASN B 303 -10.04 -4.44 -13.96
C ASN B 303 -10.22 -3.12 -13.20
N PRO B 304 -9.97 -1.99 -13.87
CA PRO B 304 -9.94 -0.67 -13.21
C PRO B 304 -11.33 -0.17 -12.82
N HIS B 305 -12.37 -0.77 -13.39
CA HIS B 305 -13.74 -0.29 -13.17
C HIS B 305 -14.79 -1.39 -13.29
N PRO B 306 -14.78 -2.38 -12.38
CA PRO B 306 -15.79 -3.44 -12.35
C PRO B 306 -17.14 -2.81 -12.06
N ALA B 307 -18.15 -3.16 -12.86
CA ALA B 307 -19.46 -2.56 -12.66
C ALA B 307 -20.57 -3.47 -13.13
N ALA B 308 -21.80 -3.10 -12.75
CA ALA B 308 -23.00 -3.76 -13.23
C ALA B 308 -23.89 -2.64 -13.74
N ILE B 309 -24.92 -3.00 -14.50
CA ILE B 309 -25.86 -2.01 -15.00
C ILE B 309 -27.18 -2.14 -14.27
N PHE B 310 -27.68 -1.04 -13.75
CA PHE B 310 -29.03 -1.03 -13.21
C PHE B 310 -29.94 -0.32 -14.21
N HIS B 311 -30.94 -1.04 -14.70
CA HIS B 311 -31.75 -0.56 -15.80
C HIS B 311 -33.18 -0.33 -15.35
N TYR B 312 -33.63 0.92 -15.38
CA TYR B 312 -35.03 1.21 -15.19
C TYR B 312 -35.85 0.59 -16.32
N ALA B 313 -36.85 -0.22 -15.98
CA ALA B 313 -37.72 -0.78 -16.99
C ALA B 313 -38.37 0.38 -17.73
N GLY B 314 -38.50 0.25 -19.05
CA GLY B 314 -39.07 1.33 -19.84
C GLY B 314 -38.02 2.20 -20.49
N ALA B 315 -36.87 2.35 -19.84
CA ALA B 315 -35.80 3.13 -20.39
C ALA B 315 -35.21 2.44 -21.61
N PRO B 316 -34.40 3.18 -22.39
CA PRO B 316 -33.70 2.59 -23.53
C PRO B 316 -32.62 1.61 -23.07
N GLY B 317 -32.09 0.84 -24.01
CA GLY B 317 -31.10 -0.16 -23.69
C GLY B 317 -29.73 0.49 -23.72
N GLY B 318 -28.69 -0.33 -23.72
CA GLY B 318 -27.33 0.18 -23.83
C GLY B 318 -26.65 0.46 -22.49
N LEU B 319 -25.46 1.05 -22.56
CA LEU B 319 -24.66 1.27 -21.37
C LEU B 319 -24.98 2.61 -20.73
N PRO B 320 -24.85 2.68 -19.41
CA PRO B 320 -25.06 3.96 -18.72
C PRO B 320 -24.07 4.95 -19.32
N THR B 321 -24.40 6.22 -19.28
CA THR B 321 -23.55 7.26 -19.87
C THR B 321 -23.00 8.23 -18.82
N ASP B 322 -23.49 8.13 -17.59
CA ASP B 322 -22.96 8.92 -16.47
C ASP B 322 -21.98 8.09 -15.64
N GLU B 323 -20.70 8.44 -15.67
CA GLU B 323 -19.70 7.64 -14.96
C GLU B 323 -19.72 7.81 -13.45
N GLY B 324 -20.38 8.86 -12.96
CA GLY B 324 -20.56 9.04 -11.53
C GLY B 324 -19.42 9.75 -10.81
N THR B 325 -19.55 9.82 -9.48
CA THR B 325 -18.53 10.43 -8.63
C THR B 325 -17.88 9.32 -7.79
N PRO B 326 -16.56 9.40 -7.58
CA PRO B 326 -15.91 8.38 -6.75
C PRO B 326 -16.43 8.43 -5.33
N PRO B 327 -16.67 7.28 -4.69
CA PRO B 327 -17.18 7.27 -3.31
C PRO B 327 -16.09 7.66 -2.30
N VAL B 328 -16.50 8.00 -1.08
CA VAL B 328 -15.53 8.26 -0.03
C VAL B 328 -14.64 7.04 0.14
N ASP B 329 -13.39 7.27 0.51
CA ASP B 329 -12.45 6.19 0.78
C ASP B 329 -12.79 5.54 2.13
N HIS B 330 -13.21 4.28 2.11
CA HIS B 330 -13.58 3.57 3.35
C HIS B 330 -12.40 3.04 4.17
N GLN B 331 -11.18 3.20 3.67
CA GLN B 331 -9.97 2.80 4.38
C GLN B 331 -9.98 1.36 4.92
N CYS B 332 -10.47 0.42 4.14
CA CYS B 332 -10.54 -0.98 4.58
C CYS B 332 -11.22 -1.16 5.95
N LEU B 333 -12.20 -0.31 6.24
CA LEU B 333 -12.97 -0.43 7.46
C LEU B 333 -14.47 -0.48 7.24
N ASP B 334 -15.12 -1.42 7.93
CA ASP B 334 -16.58 -1.46 7.92
C ASP B 334 -17.18 -0.49 8.92
N THR B 335 -18.40 -0.06 8.66
CA THR B 335 -19.04 0.94 9.52
C THR B 335 -19.50 0.33 10.84
N LEU B 336 -19.21 1.03 11.93
CA LEU B 336 -19.71 0.62 13.24
C LEU B 336 -20.95 1.43 13.64
N ASP B 337 -21.57 2.04 12.64
CA ASP B 337 -22.77 2.85 12.89
C ASP B 337 -24.07 2.05 12.77
N VAL B 338 -24.01 0.79 12.33
CA VAL B 338 -25.22 -0.02 12.24
C VAL B 338 -25.71 -0.39 13.63
N ARG B 339 -27.03 -0.45 13.80
CA ARG B 339 -27.63 -0.79 15.09
C ARG B 339 -28.70 -1.86 14.94
N PRO B 340 -28.46 -3.06 15.50
CA PRO B 340 -29.38 -4.20 15.45
C PRO B 340 -30.81 -3.86 15.86
N VAL B 341 -31.79 -4.31 15.08
CA VAL B 341 -33.20 -4.15 15.46
C VAL B 341 -33.43 -4.73 16.84
N VAL B 342 -32.99 -5.97 17.04
CA VAL B 342 -33.05 -6.66 18.32
C VAL B 342 -31.80 -6.33 19.12
N PRO B 343 -31.95 -5.57 20.22
CA PRO B 343 -30.80 -4.99 20.92
C PRO B 343 -30.02 -5.96 21.80
N ARG B 344 -28.75 -5.64 22.03
CA ARG B 344 -27.96 -6.32 23.06
C ARG B 344 -27.20 -5.27 23.84
N SER B 345 -26.99 -5.54 25.12
CA SER B 345 -26.28 -4.60 25.97
C SER B 345 -25.34 -5.32 26.90
N VAL B 346 -24.07 -4.89 26.91
CA VAL B 346 -23.09 -5.43 27.84
C VAL B 346 -22.24 -4.29 28.39
N PRO B 347 -21.77 -4.45 29.63
CA PRO B 347 -20.96 -3.42 30.29
C PRO B 347 -19.62 -3.26 29.59
N VAL B 348 -19.25 -2.02 29.31
CA VAL B 348 -17.94 -1.76 28.75
C VAL B 348 -17.25 -0.68 29.55
N ASN B 349 -17.55 -0.64 30.86
CA ASN B 349 -16.97 0.36 31.77
C ASN B 349 -15.72 -0.16 32.48
N SER B 350 -15.39 -1.42 32.23
CA SER B 350 -14.20 -2.06 32.78
C SER B 350 -13.58 -3.07 31.81
N PHE B 351 -12.25 -3.12 31.79
CA PHE B 351 -11.55 -4.14 31.04
C PHE B 351 -10.08 -4.18 31.38
N VAL B 352 -9.58 -5.38 31.68
CA VAL B 352 -8.16 -5.59 31.92
C VAL B 352 -7.59 -6.54 30.86
N LYS B 353 -6.64 -6.06 30.09
CA LYS B 353 -5.96 -6.89 29.12
C LYS B 353 -5.15 -7.97 29.85
N ARG B 354 -5.44 -9.22 29.54
CA ARG B 354 -4.71 -10.34 30.13
C ARG B 354 -4.47 -11.39 29.05
N PRO B 355 -3.46 -12.26 29.26
CA PRO B 355 -3.18 -13.31 28.29
C PRO B 355 -4.42 -14.12 27.96
N ASP B 356 -5.27 -14.38 28.95
CA ASP B 356 -6.41 -15.27 28.74
C ASP B 356 -7.54 -14.66 27.90
N ASN B 357 -7.50 -13.34 27.67
CA ASN B 357 -8.51 -12.69 26.83
C ASN B 357 -7.90 -11.98 25.62
N THR B 358 -6.61 -12.19 25.41
CA THR B 358 -5.90 -11.47 24.35
C THR B 358 -5.45 -12.39 23.21
N LEU B 359 -5.75 -11.98 21.99
CA LEU B 359 -5.35 -12.76 20.81
C LEU B 359 -4.46 -11.90 19.90
N PRO B 360 -3.13 -12.04 20.07
CA PRO B 360 -2.08 -11.30 19.37
C PRO B 360 -1.76 -11.92 18.02
N VAL B 361 -2.17 -11.26 16.94
CA VAL B 361 -1.82 -11.71 15.59
C VAL B 361 -0.40 -11.28 15.27
N ALA B 362 0.36 -12.15 14.59
CA ALA B 362 1.74 -11.83 14.23
C ALA B 362 2.16 -12.48 12.91
N LEU B 363 2.77 -11.68 12.04
CA LEU B 363 3.39 -12.19 10.82
C LEU B 363 4.83 -12.58 11.12
N ASP B 364 5.17 -13.86 10.88
CA ASP B 364 6.54 -14.33 11.07
C ASP B 364 7.19 -14.53 9.71
N LEU B 365 8.28 -13.80 9.49
CA LEU B 365 9.03 -13.87 8.23
C LEU B 365 10.36 -14.60 8.44
N THR B 366 10.51 -15.26 9.57
CA THR B 366 11.81 -15.79 10.00
C THR B 366 12.05 -17.25 9.65
N GLY B 367 11.03 -17.90 9.11
CA GLY B 367 11.14 -19.32 8.79
C GLY B 367 10.79 -19.58 7.34
N THR B 368 10.08 -20.67 7.08
CA THR B 368 9.50 -20.93 5.78
C THR B 368 8.16 -21.65 5.89
N PRO B 369 7.23 -21.26 5.00
CA PRO B 369 7.58 -20.28 3.96
C PRO B 369 7.86 -18.88 4.53
N LEU B 370 8.06 -17.91 3.64
CA LEU B 370 8.29 -16.55 4.08
C LEU B 370 7.11 -15.98 4.85
N PHE B 371 5.90 -16.26 4.37
CA PHE B 371 4.69 -15.66 4.95
C PHE B 371 3.90 -16.62 5.83
N VAL B 372 4.23 -16.64 7.12
CA VAL B 372 3.51 -17.46 8.09
C VAL B 372 2.80 -16.60 9.14
N TRP B 373 1.51 -16.86 9.33
CA TRP B 373 0.71 -16.08 10.26
C TRP B 373 0.52 -16.86 11.55
N LYS B 374 0.64 -16.17 12.69
CA LYS B 374 0.51 -16.84 13.98
C LYS B 374 -0.41 -16.08 14.92
N VAL B 375 -1.17 -16.81 15.71
CA VAL B 375 -1.96 -16.17 16.75
C VAL B 375 -1.54 -16.73 18.10
N ASN B 376 -1.19 -15.82 19.02
CA ASN B 376 -0.73 -16.19 20.36
C ASN B 376 0.51 -17.09 20.29
N GLY B 377 1.33 -16.89 19.26
CA GLY B 377 2.58 -17.61 19.10
C GLY B 377 2.49 -18.87 18.26
N SER B 378 1.30 -19.17 17.75
CA SER B 378 1.10 -20.42 17.00
C SER B 378 0.38 -20.21 15.68
N ASP B 379 0.91 -20.79 14.61
CA ASP B 379 0.20 -20.79 13.32
C ASP B 379 -0.66 -22.04 13.23
N ILE B 380 -1.96 -21.87 12.97
CA ILE B 380 -2.87 -23.00 13.02
C ILE B 380 -2.53 -24.02 11.96
N ASN B 381 -2.73 -25.28 12.29
CA ASN B 381 -2.48 -26.35 11.34
C ASN B 381 -3.25 -27.56 11.83
N VAL B 382 -4.43 -27.79 11.27
CA VAL B 382 -5.36 -28.81 11.75
C VAL B 382 -5.05 -30.17 11.13
N ASP B 383 -5.57 -31.24 11.73
CA ASP B 383 -5.35 -32.56 11.19
C ASP B 383 -6.62 -33.10 10.59
N TRP B 384 -6.66 -33.08 9.26
CA TRP B 384 -7.83 -33.50 8.52
C TRP B 384 -8.34 -34.87 8.96
N GLY B 385 -7.43 -35.72 9.41
CA GLY B 385 -7.74 -37.10 9.76
C GLY B 385 -8.02 -37.29 11.25
N LYS B 386 -7.77 -36.25 12.04
CA LYS B 386 -8.06 -36.31 13.46
C LYS B 386 -8.61 -34.96 13.92
N PRO B 387 -9.87 -34.69 13.57
CA PRO B 387 -10.52 -33.44 13.96
C PRO B 387 -10.63 -33.33 15.48
N ILE B 388 -10.72 -32.10 15.97
CA ILE B 388 -11.00 -31.84 17.39
C ILE B 388 -12.21 -32.62 17.91
N ILE B 389 -13.22 -32.85 17.06
CA ILE B 389 -14.43 -33.57 17.53
C ILE B 389 -14.15 -35.04 17.83
N ASP B 390 -13.11 -35.57 17.20
CA ASP B 390 -12.66 -36.93 17.50
C ASP B 390 -12.09 -36.99 18.91
N TYR B 391 -11.32 -35.97 19.28
CA TYR B 391 -10.81 -35.85 20.64
C TYR B 391 -11.95 -35.81 21.64
N ILE B 392 -12.93 -34.94 21.39
CA ILE B 392 -14.07 -34.83 22.28
C ILE B 392 -14.78 -36.17 22.44
N LEU B 393 -15.01 -36.85 21.32
CA LEU B 393 -15.74 -38.12 21.32
C LEU B 393 -14.98 -39.24 22.02
N THR B 394 -13.68 -39.34 21.79
CA THR B 394 -12.88 -40.42 22.35
C THR B 394 -12.23 -39.98 23.65
N GLY B 395 -12.71 -38.86 24.19
CA GLY B 395 -12.19 -38.33 25.43
C GLY B 395 -10.67 -38.19 25.50
N ASN B 396 -10.09 -37.48 24.54
CA ASN B 396 -8.67 -37.10 24.61
C ASN B 396 -8.54 -35.58 24.69
N THR B 397 -7.86 -35.08 25.72
CA THR B 397 -7.77 -33.64 25.94
C THR B 397 -6.38 -33.08 25.65
N SER B 398 -5.55 -33.89 25.01
CA SER B 398 -4.19 -33.47 24.68
C SER B 398 -4.17 -32.89 23.27
N TYR B 399 -4.92 -31.81 23.07
CA TYR B 399 -4.96 -31.15 21.77
C TYR B 399 -3.57 -30.67 21.40
N PRO B 400 -3.14 -30.90 20.16
CA PRO B 400 -1.83 -30.43 19.71
C PRO B 400 -1.75 -28.91 19.72
N VAL B 401 -0.53 -28.39 19.83
CA VAL B 401 -0.26 -26.96 19.79
C VAL B 401 -0.92 -26.27 18.61
N SER B 402 -0.64 -26.83 17.43
CA SER B 402 -1.06 -26.22 16.17
C SER B 402 -2.56 -26.13 15.99
N ASP B 403 -3.35 -26.74 16.86
CA ASP B 403 -4.79 -26.60 16.78
C ASP B 403 -5.29 -25.27 17.35
N ASN B 404 -4.42 -24.57 18.07
CA ASN B 404 -4.77 -23.27 18.60
C ASN B 404 -6.07 -23.27 19.40
N ILE B 405 -6.26 -24.31 20.20
CA ILE B 405 -7.48 -24.44 20.98
C ILE B 405 -7.57 -23.38 22.07
N VAL B 406 -8.63 -22.57 22.00
CA VAL B 406 -8.94 -21.60 23.05
C VAL B 406 -10.15 -22.09 23.83
N GLN B 407 -9.94 -22.91 24.85
CA GLN B 407 -11.06 -23.49 25.60
C GLN B 407 -11.80 -22.51 26.51
N VAL B 408 -13.12 -22.43 26.33
CA VAL B 408 -13.98 -21.57 27.15
C VAL B 408 -15.08 -22.40 27.81
N ASP B 409 -15.04 -22.51 29.14
CA ASP B 409 -15.99 -23.33 29.90
C ASP B 409 -17.23 -22.58 30.38
N ALA B 410 -17.17 -21.24 30.41
CA ALA B 410 -18.27 -20.44 30.94
C ALA B 410 -19.62 -20.77 30.28
N VAL B 411 -20.68 -20.83 31.07
CA VAL B 411 -21.99 -21.24 30.56
C VAL B 411 -22.94 -20.06 30.26
N ASP B 412 -23.19 -19.83 28.97
CA ASP B 412 -24.03 -18.74 28.50
C ASP B 412 -23.66 -17.40 29.15
N GLN B 413 -22.37 -17.10 29.12
CA GLN B 413 -21.88 -15.85 29.67
C GLN B 413 -21.18 -15.05 28.59
N TRP B 414 -21.23 -13.72 28.71
CA TRP B 414 -20.49 -12.87 27.80
C TRP B 414 -19.01 -13.10 28.02
N THR B 415 -18.28 -13.28 26.93
CA THR B 415 -16.84 -13.36 26.99
C THR B 415 -16.25 -12.25 26.12
N TYR B 416 -15.13 -11.67 26.57
CA TYR B 416 -14.56 -10.51 25.93
C TYR B 416 -13.18 -10.83 25.37
N TRP B 417 -12.87 -10.29 24.20
CA TRP B 417 -11.64 -10.70 23.54
C TRP B 417 -10.99 -9.56 22.79
N LEU B 418 -9.70 -9.36 23.06
CA LEU B 418 -8.90 -8.30 22.45
C LEU B 418 -8.00 -8.92 21.38
N ILE B 419 -8.21 -8.52 20.15
CA ILE B 419 -7.41 -9.07 19.07
C ILE B 419 -6.45 -7.95 18.71
N GLU B 420 -5.16 -8.29 18.70
CA GLU B 420 -4.13 -7.30 18.43
C GLU B 420 -3.47 -7.61 17.12
N ASN B 421 -3.46 -6.63 16.22
CA ASN B 421 -2.88 -6.84 14.89
C ASN B 421 -1.40 -6.47 14.80
N ASP B 422 -0.55 -7.32 15.36
CA ASP B 422 0.90 -7.24 15.18
C ASP B 422 1.45 -5.82 15.30
N PRO B 423 1.25 -5.15 16.45
CA PRO B 423 1.72 -3.77 16.57
C PRO B 423 3.25 -3.62 16.60
N GLU B 424 3.97 -4.67 16.98
CA GLU B 424 5.42 -4.63 16.97
C GLU B 424 5.99 -5.30 15.72
N GLY B 425 5.12 -5.66 14.78
CA GLY B 425 5.54 -6.42 13.63
C GLY B 425 6.24 -5.60 12.55
N PRO B 426 6.79 -6.29 11.54
CA PRO B 426 7.52 -5.55 10.51
C PRO B 426 6.59 -4.52 9.85
N PHE B 427 5.39 -4.98 9.53
CA PHE B 427 4.34 -4.12 9.00
C PHE B 427 3.05 -4.87 9.31
N SER B 428 1.90 -4.23 9.13
CA SER B 428 0.62 -4.86 9.52
C SER B 428 -0.48 -4.57 8.53
N LEU B 429 -1.38 -5.54 8.36
CA LEU B 429 -2.45 -5.47 7.35
C LEU B 429 -3.85 -5.62 7.93
N PRO B 430 -4.83 -4.98 7.27
CA PRO B 430 -6.23 -5.19 7.67
C PRO B 430 -6.59 -6.65 7.48
N HIS B 431 -7.43 -7.18 8.36
CA HIS B 431 -7.84 -8.56 8.33
C HIS B 431 -9.34 -8.60 8.62
N PRO B 432 -10.11 -9.24 7.75
CA PRO B 432 -11.53 -9.50 8.05
C PRO B 432 -11.65 -10.68 9.02
N MET B 433 -12.02 -10.41 10.27
CA MET B 433 -12.04 -11.44 11.30
C MET B 433 -13.48 -11.99 11.40
N HIS B 434 -13.58 -13.31 11.34
CA HIS B 434 -14.88 -13.99 11.25
C HIS B 434 -14.96 -15.08 12.29
N LEU B 435 -16.12 -15.20 12.94
CA LEU B 435 -16.33 -16.16 14.02
C LEU B 435 -17.42 -17.19 13.67
N HIS B 436 -17.13 -18.48 13.85
CA HIS B 436 -18.11 -19.55 13.62
C HIS B 436 -19.02 -19.68 14.83
N GLY B 437 -20.26 -20.13 14.60
CA GLY B 437 -21.20 -20.47 15.66
C GLY B 437 -21.90 -19.34 16.40
N HIS B 438 -21.48 -18.11 16.13
CA HIS B 438 -22.03 -16.95 16.84
C HIS B 438 -22.01 -15.71 15.97
N ASP B 439 -22.83 -14.73 16.33
CA ASP B 439 -22.52 -13.36 15.97
C ASP B 439 -21.76 -12.78 17.18
N PHE B 440 -20.89 -11.81 16.93
CA PHE B 440 -20.26 -11.12 18.04
C PHE B 440 -20.69 -9.67 18.06
N LEU B 441 -20.49 -9.02 19.22
CA LEU B 441 -20.67 -7.58 19.36
C LEU B 441 -19.34 -6.89 19.14
N VAL B 442 -19.34 -5.86 18.32
CA VAL B 442 -18.11 -5.12 18.02
C VAL B 442 -18.06 -3.95 18.99
N LEU B 443 -17.42 -4.17 20.13
CA LEU B 443 -17.38 -3.17 21.21
C LEU B 443 -16.53 -1.97 20.83
N GLY B 444 -15.49 -2.19 20.03
CA GLY B 444 -14.64 -1.09 19.64
C GLY B 444 -13.40 -1.53 18.88
N ARG B 445 -12.65 -0.54 18.41
CA ARG B 445 -11.39 -0.81 17.71
C ARG B 445 -10.49 0.40 17.81
N SER B 446 -9.22 0.22 17.49
CA SER B 446 -8.26 1.33 17.47
C SER B 446 -8.76 2.47 16.58
N PRO B 447 -8.30 3.71 16.84
CA PRO B 447 -8.75 4.87 16.06
C PRO B 447 -8.72 4.59 14.56
N ASP B 448 -9.72 5.09 13.82
CA ASP B 448 -9.78 4.88 12.38
C ASP B 448 -8.78 5.82 11.69
N VAL B 449 -7.77 5.24 11.05
CA VAL B 449 -6.76 6.01 10.35
C VAL B 449 -6.57 5.39 8.96
N PRO B 450 -5.81 6.06 8.07
CA PRO B 450 -5.59 5.48 6.73
C PRO B 450 -4.93 4.11 6.84
N ALA B 451 -5.38 3.15 6.05
CA ALA B 451 -5.03 1.74 6.25
C ALA B 451 -3.54 1.44 6.13
N ALA B 452 -2.83 2.23 5.33
CA ALA B 452 -1.42 1.99 5.11
C ALA B 452 -0.52 3.02 5.80
N SER B 453 -1.08 3.74 6.76
CA SER B 453 -0.38 4.81 7.45
C SER B 453 0.73 4.34 8.39
N GLN B 454 0.84 3.03 8.58
CA GLN B 454 1.91 2.44 9.39
C GLN B 454 1.77 2.79 10.87
N GLN B 455 0.58 3.20 11.30
CA GLN B 455 0.39 3.54 12.71
C GLN B 455 0.13 2.27 13.50
N ARG B 456 0.69 2.24 14.70
CA ARG B 456 0.56 1.11 15.61
C ARG B 456 -0.12 1.57 16.87
N PHE B 457 -1.07 0.77 17.35
CA PHE B 457 -1.83 1.13 18.53
C PHE B 457 -1.94 -0.09 19.41
N VAL B 458 -1.68 0.10 20.71
CA VAL B 458 -1.88 -0.97 21.67
C VAL B 458 -2.92 -0.53 22.72
N PHE B 459 -3.84 -1.43 23.04
CA PHE B 459 -4.99 -1.08 23.86
C PHE B 459 -4.57 -0.44 25.16
N ASP B 460 -5.14 0.72 25.46
CA ASP B 460 -4.85 1.48 26.69
C ASP B 460 -6.15 1.78 27.44
N PRO B 461 -6.34 1.15 28.60
CA PRO B 461 -7.63 1.36 29.29
C PRO B 461 -7.90 2.84 29.50
N ALA B 462 -6.87 3.59 29.89
CA ALA B 462 -7.01 5.00 30.24
C ALA B 462 -7.75 5.82 29.20
N VAL B 463 -7.59 5.49 27.92
CA VAL B 463 -8.21 6.28 26.86
C VAL B 463 -9.23 5.50 26.04
N ASP B 464 -9.07 4.18 25.99
CA ASP B 464 -9.90 3.36 25.11
C ASP B 464 -11.25 2.93 25.68
N LEU B 465 -11.39 2.86 26.99
CA LEU B 465 -12.67 2.48 27.56
C LEU B 465 -13.74 3.45 27.05
N ALA B 466 -13.39 4.73 27.04
CA ALA B 466 -14.33 5.78 26.63
C ALA B 466 -14.73 5.67 25.17
N ARG B 467 -13.98 4.89 24.40
CA ARG B 467 -14.25 4.74 23.00
C ARG B 467 -15.14 3.51 22.69
N LEU B 468 -15.43 2.71 23.71
CA LEU B 468 -16.21 1.49 23.50
C LEU B 468 -17.71 1.76 23.46
N ASN B 469 -18.46 0.83 22.86
CA ASN B 469 -19.92 0.89 22.82
C ASN B 469 -20.56 -0.41 23.32
N GLY B 470 -21.19 -0.36 24.49
CA GLY B 470 -21.88 -1.52 25.00
C GLY B 470 -23.39 -1.45 24.78
N ASP B 471 -23.85 -0.28 24.33
CA ASP B 471 -25.29 -0.03 24.16
C ASP B 471 -25.78 -0.38 22.74
N ASN B 472 -26.12 -1.65 22.54
CA ASN B 472 -26.56 -2.17 21.25
C ASN B 472 -25.55 -1.89 20.13
N PRO B 473 -24.33 -2.43 20.28
CA PRO B 473 -23.27 -2.19 19.29
C PRO B 473 -23.49 -3.08 18.08
N PRO B 474 -22.78 -2.82 16.97
CA PRO B 474 -22.93 -3.69 15.81
C PRO B 474 -22.79 -5.14 16.22
N ARG B 475 -23.64 -6.00 15.66
CA ARG B 475 -23.64 -7.42 15.92
C ARG B 475 -23.69 -8.12 14.57
N ARG B 476 -22.72 -8.98 14.28
CA ARG B 476 -22.63 -9.64 12.98
C ARG B 476 -21.55 -10.68 13.07
N ASP B 477 -21.23 -11.34 11.95
CA ASP B 477 -20.28 -12.46 12.05
C ASP B 477 -18.86 -12.14 11.53
N THR B 478 -18.70 -10.99 10.89
CA THR B 478 -17.41 -10.59 10.32
C THR B 478 -17.21 -9.10 10.56
N THR B 479 -15.99 -8.72 10.96
CA THR B 479 -15.67 -7.30 11.03
C THR B 479 -14.16 -7.05 10.85
N MET B 480 -13.78 -5.79 10.63
CA MET B 480 -12.38 -5.52 10.29
C MET B 480 -11.49 -5.28 11.50
N LEU B 481 -10.36 -6.00 11.53
CA LEU B 481 -9.26 -5.73 12.42
C LEU B 481 -8.36 -4.65 11.75
N PRO B 482 -8.24 -3.46 12.38
CA PRO B 482 -7.43 -2.36 11.85
C PRO B 482 -5.96 -2.73 11.67
N ALA B 483 -5.38 -2.35 10.53
CA ALA B 483 -3.93 -2.52 10.34
C ALA B 483 -3.19 -1.91 11.52
N GLY B 484 -2.28 -2.67 12.12
CA GLY B 484 -1.46 -2.20 13.22
C GLY B 484 -2.16 -1.90 14.54
N GLY B 485 -3.48 -2.05 14.60
CA GLY B 485 -4.22 -1.69 15.81
C GLY B 485 -4.83 -2.84 16.60
N TRP B 486 -6.06 -2.63 17.06
CA TRP B 486 -6.77 -3.66 17.85
C TRP B 486 -8.27 -3.70 17.60
N LEU B 487 -8.89 -4.78 18.05
CA LEU B 487 -10.32 -4.99 17.93
C LEU B 487 -10.80 -5.60 19.26
N LEU B 488 -11.88 -5.08 19.82
CA LEU B 488 -12.42 -5.64 21.07
C LEU B 488 -13.81 -6.18 20.81
N LEU B 489 -13.96 -7.51 20.88
CA LEU B 489 -15.24 -8.16 20.54
C LEU B 489 -15.80 -8.92 21.72
N ALA B 490 -17.08 -9.28 21.65
CA ALA B 490 -17.67 -10.03 22.71
C ALA B 490 -18.66 -11.02 22.16
N PHE B 491 -18.65 -12.23 22.68
CA PHE B 491 -19.74 -13.16 22.36
C PHE B 491 -20.23 -13.94 23.58
N ARG B 492 -21.50 -14.34 23.54
CA ARG B 492 -22.09 -15.06 24.66
C ARG B 492 -21.99 -16.54 24.38
N THR B 493 -21.47 -17.29 25.34
CA THR B 493 -21.21 -18.71 25.12
C THR B 493 -22.50 -19.53 25.24
N ASP B 494 -23.38 -19.36 24.26
CA ASP B 494 -24.68 -20.02 24.23
C ASP B 494 -24.70 -21.27 23.34
N ASN B 495 -23.54 -21.72 22.87
CA ASN B 495 -23.48 -22.71 21.80
C ASN B 495 -22.30 -23.69 21.90
N PRO B 496 -22.44 -24.74 22.72
CA PRO B 496 -21.29 -25.65 22.88
C PRO B 496 -20.80 -26.18 21.54
N GLY B 497 -19.49 -26.16 21.34
CA GLY B 497 -18.92 -26.63 20.09
C GLY B 497 -17.50 -26.14 19.93
N ALA B 498 -16.80 -26.63 18.92
CA ALA B 498 -15.49 -26.10 18.55
C ALA B 498 -15.66 -25.13 17.39
N TRP B 499 -15.42 -23.85 17.66
CA TRP B 499 -15.69 -22.80 16.69
C TRP B 499 -14.43 -22.08 16.27
N LEU B 500 -14.15 -22.10 14.96
CA LEU B 500 -12.99 -21.40 14.44
C LEU B 500 -13.21 -19.90 14.49
N PHE B 501 -12.11 -19.15 14.63
CA PHE B 501 -12.14 -17.70 14.57
C PHE B 501 -10.89 -17.30 13.82
N HIS B 502 -11.07 -16.73 12.64
CA HIS B 502 -9.97 -16.58 11.72
C HIS B 502 -10.21 -15.43 10.79
N CYS B 503 -9.12 -14.92 10.24
CA CYS B 503 -9.18 -13.96 9.15
C CYS B 503 -9.74 -14.68 7.93
N HIS B 504 -10.64 -14.02 7.19
CA HIS B 504 -11.31 -14.69 6.06
C HIS B 504 -10.60 -14.51 4.71
N ILE B 505 -9.42 -13.88 4.71
CA ILE B 505 -8.60 -13.87 3.51
C ILE B 505 -7.98 -15.24 3.37
N ALA B 506 -8.29 -15.91 2.25
CA ALA B 506 -7.94 -17.32 2.08
C ALA B 506 -6.46 -17.56 2.26
N TRP B 507 -5.64 -16.69 1.69
CA TRP B 507 -4.20 -16.79 1.80
C TRP B 507 -3.78 -16.76 3.27
N HIS B 508 -4.43 -15.91 4.06
CA HIS B 508 -4.03 -15.71 5.45
C HIS B 508 -4.42 -16.87 6.34
N VAL B 509 -5.65 -17.35 6.22
CA VAL B 509 -5.99 -18.50 7.06
C VAL B 509 -5.17 -19.73 6.62
N SER B 510 -5.02 -19.92 5.30
CA SER B 510 -4.09 -20.93 4.79
C SER B 510 -2.74 -20.86 5.50
N GLY B 511 -2.31 -19.64 5.78
CA GLY B 511 -1.00 -19.39 6.36
C GLY B 511 -0.91 -19.50 7.86
N GLY B 512 -2.03 -19.74 8.53
CA GLY B 512 -2.00 -19.89 9.98
C GLY B 512 -2.92 -18.99 10.81
N LEU B 513 -3.49 -17.95 10.20
CA LEU B 513 -4.27 -16.96 10.95
C LEU B 513 -5.64 -17.44 11.45
N SER B 514 -5.61 -18.20 12.53
CA SER B 514 -6.85 -18.69 13.12
C SER B 514 -6.68 -19.22 14.52
N VAL B 515 -7.78 -19.23 15.26
CA VAL B 515 -7.85 -20.00 16.48
C VAL B 515 -9.09 -20.86 16.43
N ASP B 516 -9.22 -21.73 17.44
CA ASP B 516 -10.34 -22.66 17.56
C ASP B 516 -10.87 -22.48 18.98
N PHE B 517 -11.96 -21.72 19.13
CA PHE B 517 -12.62 -21.59 20.43
C PHE B 517 -13.30 -22.91 20.76
N LEU B 518 -12.80 -23.61 21.77
CA LEU B 518 -13.45 -24.82 22.24
C LEU B 518 -14.43 -24.43 23.34
N GLU B 519 -15.69 -24.27 22.95
CA GLU B 519 -16.71 -23.72 23.85
C GLU B 519 -17.48 -24.83 24.59
N ARG B 520 -17.34 -24.87 25.91
CA ARG B 520 -18.08 -25.81 26.76
C ARG B 520 -17.94 -27.26 26.32
N PRO B 521 -16.70 -27.77 26.28
CA PRO B 521 -16.43 -29.12 25.75
C PRO B 521 -17.26 -30.21 26.46
N ALA B 522 -17.51 -30.03 27.75
CA ALA B 522 -18.34 -30.97 28.48
C ALA B 522 -19.79 -30.99 27.95
N ASP B 523 -20.34 -29.80 27.75
CA ASP B 523 -21.71 -29.66 27.24
C ASP B 523 -21.80 -30.26 25.84
N LEU B 524 -20.75 -30.01 25.06
CA LEU B 524 -20.66 -30.49 23.70
C LEU B 524 -20.78 -32.01 23.60
N ARG B 525 -19.93 -32.73 24.33
CA ARG B 525 -19.90 -34.18 24.25
C ARG B 525 -21.25 -34.84 24.53
N GLN B 526 -21.97 -34.30 25.51
CA GLN B 526 -23.28 -34.85 25.89
C GLN B 526 -24.35 -34.59 24.84
N ARG B 527 -24.18 -33.53 24.05
CA ARG B 527 -25.21 -33.12 23.10
C ARG B 527 -25.09 -33.75 21.72
N ILE B 528 -24.01 -34.48 21.48
CA ILE B 528 -23.79 -35.08 20.18
C ILE B 528 -24.66 -36.33 19.94
N SER B 529 -25.74 -36.15 19.18
CA SER B 529 -26.66 -37.23 18.85
C SER B 529 -25.93 -38.46 18.34
N GLN B 530 -26.55 -39.63 18.47
CA GLN B 530 -25.94 -40.86 17.99
C GLN B 530 -25.75 -40.84 16.48
N GLU B 531 -26.68 -40.21 15.77
CA GLU B 531 -26.63 -40.16 14.31
C GLU B 531 -25.42 -39.34 13.84
N ASP B 532 -25.10 -38.29 14.59
CA ASP B 532 -23.95 -37.46 14.26
C ASP B 532 -22.65 -38.19 14.53
N GLU B 533 -22.58 -38.88 15.66
CA GLU B 533 -21.37 -39.59 16.04
C GLU B 533 -21.01 -40.65 15.02
N ASP B 534 -22.01 -41.43 14.64
CA ASP B 534 -21.83 -42.50 13.65
C ASP B 534 -21.42 -41.95 12.30
N ASP B 535 -22.06 -40.87 11.88
CA ASP B 535 -21.77 -40.33 10.57
C ASP B 535 -20.38 -39.71 10.56
N PHE B 536 -20.08 -38.96 11.61
CA PHE B 536 -18.75 -38.39 11.78
C PHE B 536 -17.73 -39.49 11.61
N ASN B 537 -17.99 -40.63 12.25
CA ASN B 537 -17.04 -41.73 12.26
C ASN B 537 -16.88 -42.41 10.91
N ARG B 538 -17.99 -42.55 10.18
CA ARG B 538 -17.96 -43.15 8.84
C ARG B 538 -17.08 -42.34 7.87
N VAL B 539 -17.37 -41.07 7.73
CA VAL B 539 -16.60 -40.20 6.84
C VAL B 539 -15.12 -40.16 7.26
N CYS B 540 -14.84 -40.06 8.56
CA CYS B 540 -13.46 -40.06 9.00
C CYS B 540 -12.77 -41.37 8.58
N ASP B 541 -13.45 -42.49 8.79
CA ASP B 541 -12.95 -43.79 8.36
C ASP B 541 -12.65 -43.80 6.87
N GLU B 542 -13.60 -43.28 6.08
CA GLU B 542 -13.42 -43.19 4.63
C GLU B 542 -12.28 -42.24 4.25
N TRP B 543 -12.12 -41.13 4.98
CA TRP B 543 -11.06 -40.18 4.68
C TRP B 543 -9.68 -40.71 5.02
N ARG B 544 -9.54 -41.29 6.20
CA ARG B 544 -8.26 -41.84 6.62
C ARG B 544 -7.84 -42.94 5.67
N ALA B 545 -8.82 -43.68 5.18
CA ALA B 545 -8.56 -44.73 4.21
C ALA B 545 -8.01 -44.12 2.93
N TYR B 546 -8.68 -43.09 2.42
CA TYR B 546 -8.27 -42.48 1.15
C TYR B 546 -6.94 -41.71 1.22
N TRP B 547 -6.67 -41.06 2.34
CA TRP B 547 -5.56 -40.11 2.40
C TRP B 547 -4.19 -40.68 1.99
N PRO B 548 -3.88 -41.91 2.44
CA PRO B 548 -2.57 -42.47 2.11
C PRO B 548 -2.37 -42.60 0.61
N THR B 549 -3.45 -42.50 -0.16
CA THR B 549 -3.36 -42.62 -1.61
C THR B 549 -3.37 -41.28 -2.35
N ASN B 550 -3.55 -40.19 -1.61
CA ASN B 550 -3.50 -38.87 -2.21
C ASN B 550 -2.15 -38.67 -2.87
N PRO B 551 -2.14 -38.14 -4.11
CA PRO B 551 -0.89 -37.87 -4.82
C PRO B 551 -0.24 -36.59 -4.31
N TYR B 552 -1.04 -35.70 -3.74
CA TYR B 552 -0.54 -34.39 -3.36
C TYR B 552 -0.43 -34.23 -1.84
N PRO B 553 0.59 -33.47 -1.39
CA PRO B 553 0.77 -33.19 0.04
C PRO B 553 -0.16 -32.07 0.51
N LYS B 554 -0.55 -32.12 1.79
CA LYS B 554 -1.17 -30.97 2.44
C LYS B 554 -0.06 -29.92 2.59
N ILE B 555 -0.30 -28.69 2.12
CA ILE B 555 0.79 -27.70 2.15
C ILE B 555 0.53 -26.42 2.94
N ASP B 556 -0.65 -26.31 3.53
CA ASP B 556 -1.00 -25.17 4.36
C ASP B 556 -1.70 -25.65 5.64
N SER B 557 -2.50 -24.77 6.24
CA SER B 557 -3.11 -25.07 7.53
C SER B 557 -4.21 -26.13 7.42
N GLY B 558 -4.75 -26.31 6.21
CA GLY B 558 -5.89 -27.20 6.02
C GLY B 558 -7.20 -26.42 6.00
N LEU B 559 -7.13 -25.13 6.33
CA LEU B 559 -8.34 -24.33 6.49
C LEU B 559 -8.50 -23.21 5.47
#